data_6FKV
#
_entry.id   6FKV
#
_cell.length_a   105.190
_cell.length_b   105.190
_cell.length_c   314.570
_cell.angle_alpha   90.00
_cell.angle_beta   90.00
_cell.angle_gamma   90.00
#
_symmetry.space_group_name_H-M   'P 41 21 2'
#
loop_
_entity.id
_entity.type
_entity.pdbx_description
1 polymer 'Aldehyde dehydrogenase'
2 non-polymer DI(HYDROXYETHYL)ETHER
3 non-polymer 'SULFATE ION'
4 non-polymer 'CHLORIDE ION'
5 non-polymer 2-AMINO-2-HYDROXYMETHYL-PROPANE-1,3-DIOL
6 water water
#
_entity_poly.entity_id   1
_entity_poly.type   'polypeptide(L)'
_entity_poly.pdbx_seq_one_letter_code
;MHHHHHHRKAAGKYGNTLEFGHLVGGEEVLEGPLLERRNPSDREDVVARFPEADKDLVRKAALKAREAFAEWSRTPAPIR
GQVLFNLVKILEREKPTLTRLMVREVGKTPKEAAGDVQEAIDTALFFASEGRRLYGQTVPSEMRDKELFTFRRPLGVVGI
ITAGNFPIAVPSWKLIPAVLTGNTVVWKPSEDAPTLSFVFAKLFEEAGLPPGVLNVVFGGGKGSTGQWMVELMDEGLFQK
FAFTGSTQVGRWIGEVAGRNLIRPTLELGGKNPLVVMRDADLDLAVEGAWWSAFATGGQRCTSAGNILVDAPIYEEFKRR
FLERVEATLVGNPLLHPEVTYGPFINERFFARWQEHYRVGEAEGARLLFGRGRITRENPYPRFLGDPEAGLYGWPTVWEV
RPGTRLFTEEVFGPTINLVKVDGIEEAIAVANSTPYGLSSAIYTNHRHWAYLFKVGIRAGMTSINNATVGAEAHLPFGGV
KASGNGGRESGIWVLEEYTYWHAVNEEYSGRLQLAQM
;
_entity_poly.pdbx_strand_id   A,B
#
# COMPACT_ATOMS: atom_id res chain seq x y z
N ALA A 10 8.32 44.84 -0.97
CA ALA A 10 7.11 45.65 -0.63
C ALA A 10 6.65 45.38 0.82
N ALA A 11 5.98 46.38 1.39
CA ALA A 11 5.03 46.17 2.45
C ALA A 11 3.65 46.01 1.79
N GLY A 12 2.84 45.11 2.34
CA GLY A 12 1.45 44.93 1.93
C GLY A 12 0.53 45.69 2.87
N LYS A 13 -0.72 45.28 2.98
CA LYS A 13 -1.69 46.03 3.76
C LYS A 13 -1.65 45.60 5.23
N TYR A 14 -1.33 44.33 5.52
CA TYR A 14 -1.33 43.82 6.90
C TYR A 14 0.03 43.20 7.27
N GLY A 15 1.05 43.49 6.49
CA GLY A 15 2.36 42.87 6.68
C GLY A 15 3.16 43.03 5.41
N ASN A 16 4.29 42.36 5.32
CA ASN A 16 5.12 42.45 4.12
C ASN A 16 4.59 41.53 3.02
N THR A 17 4.71 41.98 1.79
CA THR A 17 4.65 41.08 0.65
C THR A 17 6.04 40.45 0.51
N LEU A 18 6.12 39.12 0.50
CA LEU A 18 7.40 38.43 0.38
C LEU A 18 7.53 37.81 -1.01
N GLU A 19 8.68 37.97 -1.65
CA GLU A 19 9.01 37.31 -2.92
C GLU A 19 10.13 36.30 -2.62
N PHE A 20 10.06 35.12 -3.20
CA PHE A 20 10.98 34.06 -2.90
C PHE A 20 10.89 32.99 -3.97
N GLY A 21 11.92 32.16 -4.03
CA GLY A 21 11.99 31.10 -5.01
C GLY A 21 11.81 29.72 -4.43
N HIS A 22 11.99 28.75 -5.31
CA HIS A 22 12.07 27.35 -4.97
C HIS A 22 13.29 27.13 -4.07
N LEU A 23 13.29 26.03 -3.34
CA LEU A 23 14.46 25.61 -2.59
C LEU A 23 14.92 24.26 -3.14
N VAL A 24 16.08 24.28 -3.78
CA VAL A 24 16.58 23.08 -4.43
C VAL A 24 18.01 22.86 -3.97
N GLY A 25 18.32 21.63 -3.60
CA GLY A 25 19.56 21.35 -2.92
C GLY A 25 19.96 22.46 -1.96
N GLY A 26 19.03 23.08 -1.26
CA GLY A 26 19.38 24.13 -0.26
C GLY A 26 19.72 25.49 -0.86
N GLU A 27 19.39 25.80 -2.11
CA GLU A 27 19.52 27.16 -2.62
C GLU A 27 18.15 27.72 -3.04
N GLU A 28 17.99 29.04 -2.96
CA GLU A 28 16.80 29.72 -3.50
C GLU A 28 16.95 29.80 -5.02
N VAL A 29 15.84 29.62 -5.74
CA VAL A 29 15.84 29.48 -7.22
C VAL A 29 14.65 30.28 -7.76
N LEU A 30 14.84 31.51 -8.24
CA LEU A 30 13.70 32.24 -8.84
C LEU A 30 13.65 31.95 -10.34
N GLU A 31 12.88 30.94 -10.74
CA GLU A 31 12.91 30.37 -12.06
C GLU A 31 11.49 29.98 -12.45
N GLY A 32 10.87 30.87 -13.22
CA GLY A 32 9.53 30.62 -13.69
C GLY A 32 8.69 31.88 -13.65
N PRO A 33 7.52 31.82 -14.31
CA PRO A 33 6.55 32.91 -14.27
C PRO A 33 6.11 33.24 -12.83
N LEU A 34 5.98 34.51 -12.45
CA LEU A 34 5.58 34.85 -11.06
C LEU A 34 4.09 34.53 -10.83
N LEU A 35 3.78 33.84 -9.74
CA LEU A 35 2.42 33.74 -9.21
C LEU A 35 2.33 34.69 -8.01
N GLU A 36 1.14 34.86 -7.45
CA GLU A 36 1.05 35.55 -6.17
C GLU A 36 -0.15 35.01 -5.38
N ARG A 37 -0.02 35.03 -4.04
CA ARG A 37 -1.07 34.61 -3.13
C ARG A 37 -1.61 35.85 -2.39
N ARG A 38 -2.89 36.12 -2.58
CA ARG A 38 -3.53 37.25 -1.91
C ARG A 38 -4.18 36.76 -0.60
N ASN A 39 -4.21 37.65 0.38
CA ASN A 39 -4.94 37.42 1.62
C ASN A 39 -6.40 37.10 1.27
N PRO A 40 -6.85 35.86 1.49
CA PRO A 40 -8.24 35.55 1.13
C PRO A 40 -9.27 36.37 1.93
N SER A 41 -8.92 36.77 3.14
CA SER A 41 -9.82 37.54 4.02
C SER A 41 -9.97 38.96 3.44
N ASP A 42 -8.92 39.45 2.80
CA ASP A 42 -8.89 40.79 2.19
C ASP A 42 -7.89 40.84 1.01
N ARG A 43 -8.42 40.75 -0.20
CA ARG A 43 -7.63 40.44 -1.39
C ARG A 43 -6.84 41.67 -1.84
N GLU A 44 -6.93 42.80 -1.15
CA GLU A 44 -6.04 43.96 -1.42
C GLU A 44 -4.64 43.70 -0.84
N ASP A 45 -4.61 43.04 0.32
CA ASP A 45 -3.37 42.55 0.92
C ASP A 45 -2.76 41.44 0.07
N VAL A 46 -1.53 41.64 -0.40
CA VAL A 46 -0.81 40.63 -1.17
C VAL A 46 0.21 40.02 -0.22
N VAL A 47 0.18 38.69 -0.07
CA VAL A 47 0.99 38.05 0.94
C VAL A 47 2.32 37.64 0.32
N ALA A 48 2.32 37.19 -0.92
CA ALA A 48 3.54 36.64 -1.49
C ALA A 48 3.51 36.60 -3.02
N ARG A 49 4.72 36.53 -3.57
CA ARG A 49 5.03 36.50 -4.99
C ARG A 49 6.11 35.43 -5.16
N PHE A 50 5.99 34.53 -6.14
CA PHE A 50 6.80 33.30 -6.15
C PHE A 50 6.67 32.58 -7.49
N PRO A 51 7.73 31.89 -7.95
CA PRO A 51 7.74 31.26 -9.27
C PRO A 51 6.92 29.97 -9.45
N GLU A 52 6.60 29.68 -10.72
CA GLU A 52 6.03 28.39 -11.12
C GLU A 52 7.14 27.48 -11.65
N ALA A 53 7.43 26.45 -10.88
CA ALA A 53 8.41 25.44 -11.28
C ALA A 53 7.95 24.73 -12.56
N ASP A 54 8.72 24.92 -13.62
CA ASP A 54 8.52 24.11 -14.82
C ASP A 54 9.00 22.70 -14.50
N LYS A 55 8.54 21.74 -15.30
CA LYS A 55 8.75 20.33 -15.04
C LYS A 55 10.24 19.97 -15.01
N ASP A 56 11.08 20.64 -15.79
CA ASP A 56 12.48 20.30 -15.73
C ASP A 56 13.13 20.74 -14.41
N LEU A 57 12.61 21.77 -13.76
CA LEU A 57 13.15 22.15 -12.45
C LEU A 57 12.79 21.11 -11.40
N VAL A 58 11.58 20.57 -11.50
CA VAL A 58 11.16 19.52 -10.60
C VAL A 58 12.12 18.34 -10.80
N ARG A 59 12.42 18.03 -12.05
CA ARG A 59 13.33 16.93 -12.39
C ARG A 59 14.68 17.12 -11.66
N LYS A 60 15.15 18.38 -11.60
CA LYS A 60 16.42 18.69 -10.95
C LYS A 60 16.27 18.49 -9.44
N ALA A 61 15.22 19.05 -8.86
CA ALA A 61 14.92 18.88 -7.44
C ALA A 61 14.95 17.39 -7.05
N ALA A 62 14.27 16.52 -7.82
CA ALA A 62 14.27 15.07 -7.57
C ALA A 62 15.70 14.54 -7.55
N LEU A 63 16.55 15.06 -8.42
CA LEU A 63 17.89 14.48 -8.55
C LEU A 63 18.82 15.03 -7.47
N LYS A 64 18.57 16.23 -6.94
CA LYS A 64 19.32 16.69 -5.74
C LYS A 64 18.92 15.79 -4.57
N ALA A 65 17.63 15.49 -4.49
CA ALA A 65 17.14 14.58 -3.46
C ALA A 65 17.80 13.20 -3.62
N ARG A 66 17.91 12.69 -4.85
CA ARG A 66 18.57 11.39 -5.02
C ARG A 66 20.04 11.50 -4.56
N GLU A 67 20.74 12.59 -4.85
CA GLU A 67 22.16 12.68 -4.46
C GLU A 67 22.25 12.74 -2.92
N ALA A 68 21.34 13.47 -2.28
CA ALA A 68 21.37 13.70 -0.83
C ALA A 68 21.02 12.42 -0.06
N PHE A 69 20.30 11.51 -0.67
CA PHE A 69 19.81 10.33 0.03
C PHE A 69 20.96 9.43 0.49
N ALA A 70 22.01 9.34 -0.30
CA ALA A 70 23.17 8.52 0.05
C ALA A 70 23.63 8.79 1.49
N GLU A 71 23.84 10.08 1.82
CA GLU A 71 24.41 10.52 3.12
C GLU A 71 23.35 10.54 4.23
N TRP A 72 22.15 10.97 3.89
CA TRP A 72 21.12 11.14 4.91
C TRP A 72 20.62 9.79 5.39
N SER A 73 20.33 8.89 4.45
CA SER A 73 19.82 7.57 4.79
C SER A 73 20.81 6.84 5.69
N ARG A 74 22.11 6.97 5.41
CA ARG A 74 23.15 6.30 6.17
C ARG A 74 23.57 7.21 7.35
N THR A 75 22.80 8.25 7.66
CA THR A 75 22.94 8.98 8.96
C THR A 75 22.13 8.27 10.06
N PRO A 76 22.78 7.88 11.16
CA PRO A 76 22.13 7.23 12.29
C PRO A 76 20.71 7.76 12.58
N ALA A 77 19.74 6.88 12.76
CA ALA A 77 18.35 7.35 12.90
C ALA A 77 18.21 8.22 14.15
N PRO A 78 18.91 7.87 15.24
CA PRO A 78 18.77 8.72 16.43
C PRO A 78 19.31 10.14 16.19
N ILE A 79 20.32 10.29 15.34
CA ILE A 79 20.84 11.62 15.00
C ILE A 79 19.85 12.37 14.11
N ARG A 80 19.12 11.66 13.28
CA ARG A 80 18.05 12.29 12.48
C ARG A 80 16.96 12.82 13.41
N GLY A 81 16.67 12.05 14.46
CA GLY A 81 15.79 12.48 15.55
C GLY A 81 16.26 13.79 16.16
N GLN A 82 17.58 14.01 16.27
CA GLN A 82 18.07 15.22 16.94
C GLN A 82 17.67 16.44 16.09
N VAL A 83 17.69 16.29 14.76
CA VAL A 83 17.21 17.36 13.91
C VAL A 83 15.74 17.68 14.26
N LEU A 84 14.91 16.66 14.35
CA LEU A 84 13.53 16.90 14.68
C LEU A 84 13.40 17.51 16.08
N PHE A 85 14.26 17.12 17.00
CA PHE A 85 14.14 17.68 18.33
C PHE A 85 14.38 19.20 18.26
N ASN A 86 15.36 19.62 17.46
CA ASN A 86 15.62 21.06 17.28
C ASN A 86 14.42 21.73 16.62
N LEU A 87 13.80 21.02 15.70
CA LEU A 87 12.64 21.57 15.02
C LEU A 87 11.52 21.79 16.04
N VAL A 88 11.34 20.86 16.95
CA VAL A 88 10.32 21.07 17.98
C VAL A 88 10.59 22.41 18.67
N LYS A 89 11.84 22.67 19.01
CA LYS A 89 12.16 23.88 19.74
C LYS A 89 11.92 25.11 18.89
N ILE A 90 12.41 25.11 17.65
CA ILE A 90 12.25 26.23 16.75
C ILE A 90 10.75 26.50 16.48
N LEU A 91 9.98 25.45 16.22
CA LEU A 91 8.54 25.58 15.99
C LEU A 91 7.84 26.22 17.20
N GLU A 92 8.28 25.84 18.39
CA GLU A 92 7.73 26.40 19.62
C GLU A 92 7.96 27.91 19.64
N ARG A 93 9.19 28.31 19.34
CA ARG A 93 9.58 29.70 19.33
C ARG A 93 8.72 30.46 18.31
N GLU A 94 8.54 29.87 17.15
CA GLU A 94 7.88 30.54 16.05
C GLU A 94 6.36 30.40 16.12
N LYS A 95 5.79 29.72 17.12
CA LYS A 95 4.34 29.42 17.07
C LYS A 95 3.50 30.70 16.93
N PRO A 96 3.84 31.82 17.63
CA PRO A 96 3.00 33.06 17.45
C PRO A 96 3.10 33.67 16.03
N THR A 97 4.30 33.73 15.47
CA THR A 97 4.58 34.20 14.09
C THR A 97 3.81 33.40 13.03
N LEU A 98 3.98 32.06 13.07
CA LEU A 98 3.31 31.14 12.14
C LEU A 98 1.80 31.25 12.31
N THR A 99 1.31 31.47 13.53
CA THR A 99 -0.14 31.62 13.74
C THR A 99 -0.61 32.88 13.00
N ARG A 100 0.10 34.01 13.20
CA ARG A 100 -0.26 35.25 12.50
C ARG A 100 -0.24 34.99 10.99
N LEU A 101 0.84 34.43 10.49
CA LEU A 101 1.01 34.30 9.05
C LEU A 101 -0.08 33.41 8.43
N MET A 102 -0.48 32.37 9.16
CA MET A 102 -1.46 31.42 8.67
C MET A 102 -2.85 32.05 8.65
N VAL A 103 -3.16 32.99 9.53
CA VAL A 103 -4.46 33.68 9.47
C VAL A 103 -4.46 34.62 8.24
N ARG A 104 -3.29 35.15 7.92
CA ARG A 104 -3.14 36.06 6.81
C ARG A 104 -3.23 35.29 5.49
N GLU A 105 -2.54 34.15 5.40
CA GLU A 105 -2.34 33.47 4.13
C GLU A 105 -3.51 32.53 3.78
N VAL A 106 -4.21 31.93 4.75
CA VAL A 106 -5.31 30.99 4.40
C VAL A 106 -6.61 31.35 5.14
N GLY A 107 -6.61 32.33 6.04
CA GLY A 107 -7.85 32.82 6.63
C GLY A 107 -8.43 31.92 7.71
N LYS A 108 -7.63 31.02 8.29
CA LYS A 108 -8.03 30.26 9.49
C LYS A 108 -8.16 31.23 10.66
N THR A 109 -9.06 30.97 11.61
CA THR A 109 -9.08 31.79 12.86
C THR A 109 -7.80 31.53 13.65
N PRO A 110 -7.35 32.52 14.43
CA PRO A 110 -6.14 32.35 15.22
C PRO A 110 -6.21 31.15 16.18
N LYS A 111 -7.36 30.83 16.78
CA LYS A 111 -7.41 29.62 17.65
C LYS A 111 -7.05 28.38 16.82
N GLU A 112 -7.79 28.17 15.74
CA GLU A 112 -7.57 27.02 14.85
C GLU A 112 -6.14 26.99 14.29
N ALA A 113 -5.52 28.15 14.10
CA ALA A 113 -4.18 28.23 13.44
C ALA A 113 -3.05 27.94 14.44
N ALA A 114 -3.25 28.33 15.69
CA ALA A 114 -2.31 27.94 16.70
C ALA A 114 -2.39 26.41 16.84
N GLY A 115 -3.61 25.87 16.74
CA GLY A 115 -3.82 24.42 16.77
C GLY A 115 -3.09 23.69 15.66
N ASP A 116 -3.18 24.22 14.45
CA ASP A 116 -2.47 23.66 13.30
C ASP A 116 -0.98 23.55 13.63
N VAL A 117 -0.37 24.66 14.02
CA VAL A 117 1.07 24.69 14.33
C VAL A 117 1.38 23.66 15.42
N GLN A 118 0.52 23.59 16.43
CA GLN A 118 0.69 22.67 17.56
C GLN A 118 0.82 21.22 17.03
N GLU A 119 0.03 20.82 16.05
CA GLU A 119 0.06 19.42 15.61
C GLU A 119 1.38 19.07 14.93
N ALA A 120 2.02 20.07 14.34
CA ALA A 120 3.34 19.88 13.76
C ALA A 120 4.36 19.70 14.89
N ILE A 121 4.27 20.56 15.91
CA ILE A 121 5.10 20.45 17.13
C ILE A 121 4.94 19.04 17.73
N ASP A 122 3.72 18.55 17.84
CA ASP A 122 3.46 17.25 18.44
C ASP A 122 3.99 16.13 17.56
N THR A 123 3.69 16.24 16.26
CA THR A 123 4.26 15.33 15.28
C THR A 123 5.81 15.32 15.40
N ALA A 124 6.45 16.48 15.45
CA ALA A 124 7.92 16.52 15.47
C ALA A 124 8.48 15.86 16.74
N LEU A 125 7.79 16.03 17.87
CA LEU A 125 8.24 15.46 19.14
C LEU A 125 8.12 13.94 19.03
N PHE A 126 6.97 13.50 18.50
CA PHE A 126 6.68 12.10 18.38
C PHE A 126 7.81 11.38 17.63
N PHE A 127 8.28 11.98 16.55
CA PHE A 127 9.19 11.31 15.63
C PHE A 127 10.64 11.57 16.02
N ALA A 128 10.93 12.68 16.72
CA ALA A 128 12.28 12.89 17.30
C ALA A 128 12.69 11.62 18.08
N SER A 129 11.73 11.11 18.82
CA SER A 129 11.86 9.93 19.71
C SER A 129 11.87 8.61 18.92
N GLU A 130 11.18 8.55 17.78
CA GLU A 130 11.14 7.33 16.96
C GLU A 130 12.52 7.11 16.32
N GLY A 131 13.40 8.09 16.40
CA GLY A 131 14.79 7.86 15.99
C GLY A 131 15.46 6.71 16.74
N ARG A 132 14.98 6.42 17.95
CA ARG A 132 15.57 5.41 18.79
C ARG A 132 14.61 4.21 18.94
N ARG A 133 13.62 4.18 18.08
CA ARG A 133 12.68 3.08 18.02
C ARG A 133 12.80 2.47 16.63
N LEU A 134 11.87 2.74 15.72
CA LEU A 134 11.83 2.08 14.40
C LEU A 134 12.02 0.57 14.58
N TYR A 135 11.39 -0.02 15.58
CA TYR A 135 11.75 -1.39 15.95
C TYR A 135 11.56 -2.30 14.71
N GLY A 136 12.48 -3.23 14.47
CA GLY A 136 12.22 -4.40 13.59
C GLY A 136 12.15 -5.67 14.43
N GLN A 137 12.51 -6.82 13.89
CA GLN A 137 12.32 -8.06 14.64
C GLN A 137 13.57 -8.93 14.56
N THR A 138 13.80 -9.63 15.66
CA THR A 138 14.55 -10.84 15.63
C THR A 138 13.54 -11.98 15.66
N VAL A 139 13.76 -13.00 14.82
CA VAL A 139 12.84 -14.12 14.73
C VAL A 139 13.64 -15.42 14.84
N PRO A 140 13.09 -16.45 15.50
CA PRO A 140 13.69 -17.78 15.59
C PRO A 140 13.67 -18.57 14.27
N SER A 141 14.81 -19.08 13.85
CA SER A 141 14.85 -19.98 12.71
C SER A 141 14.33 -21.38 13.08
N GLU A 142 13.84 -22.09 12.10
CA GLU A 142 13.45 -23.48 12.30
C GLU A 142 14.71 -24.34 12.21
N MET A 143 15.81 -23.77 11.73
CA MET A 143 17.04 -24.52 11.54
C MET A 143 17.98 -24.20 12.69
N ARG A 144 18.78 -25.18 13.06
CA ARG A 144 19.83 -24.97 14.03
C ARG A 144 20.91 -24.06 13.40
N ASP A 145 21.71 -23.45 14.25
CA ASP A 145 22.81 -22.58 13.84
C ASP A 145 22.48 -21.50 12.79
N LYS A 146 21.33 -20.85 12.99
CA LYS A 146 20.83 -19.88 12.03
C LYS A 146 19.95 -18.78 12.69
N GLU A 147 20.21 -17.52 12.38
CA GLU A 147 19.43 -16.42 12.96
C GLU A 147 18.67 -15.66 11.85
N LEU A 148 17.48 -15.13 12.19
CA LEU A 148 16.58 -14.35 11.27
C LEU A 148 16.37 -12.92 11.81
N PHE A 149 16.28 -11.93 10.92
CA PHE A 149 16.06 -10.53 11.32
C PHE A 149 15.14 -9.79 10.33
N THR A 150 14.51 -8.72 10.80
CA THR A 150 13.91 -7.76 9.89
C THR A 150 14.37 -6.34 10.24
N PHE A 151 14.33 -5.48 9.24
CA PHE A 151 14.85 -4.13 9.32
C PHE A 151 13.99 -3.21 8.45
N ARG A 152 13.54 -2.09 9.02
CA ARG A 152 12.82 -1.09 8.25
C ARG A 152 13.84 -0.25 7.44
N ARG A 153 13.61 -0.07 6.14
CA ARG A 153 14.59 0.61 5.29
C ARG A 153 13.91 1.76 4.55
N PRO A 154 14.66 2.84 4.32
CA PRO A 154 14.12 3.98 3.61
C PRO A 154 13.86 3.59 2.15
N LEU A 155 12.78 4.12 1.58
CA LEU A 155 12.39 3.87 0.17
C LEU A 155 13.28 4.66 -0.80
N GLY A 156 13.49 5.94 -0.53
CA GLY A 156 14.29 6.75 -1.44
C GLY A 156 13.78 8.18 -1.48
N VAL A 157 13.47 8.65 -2.69
CA VAL A 157 13.01 10.02 -2.87
C VAL A 157 11.48 10.00 -2.85
N VAL A 158 10.93 10.85 -1.98
CA VAL A 158 9.50 10.96 -1.83
C VAL A 158 9.03 12.24 -2.50
N GLY A 159 7.99 12.13 -3.31
CA GLY A 159 7.28 13.29 -3.80
C GLY A 159 6.04 13.53 -2.96
N ILE A 160 5.81 14.78 -2.58
CA ILE A 160 4.73 15.13 -1.64
C ILE A 160 3.91 16.27 -2.22
N ILE A 161 2.60 16.09 -2.34
CA ILE A 161 1.73 17.22 -2.69
C ILE A 161 0.71 17.46 -1.58
N THR A 162 0.55 18.72 -1.18
CA THR A 162 -0.33 19.04 -0.06
C THR A 162 -1.30 20.17 -0.40
N ALA A 163 -2.48 20.09 0.18
CA ALA A 163 -3.49 21.15 0.15
C ALA A 163 -3.10 22.29 1.10
N GLY A 164 -3.93 23.31 1.21
CA GLY A 164 -3.57 24.51 1.94
C GLY A 164 -4.49 24.79 3.13
N ASN A 165 -5.46 23.92 3.34
CA ASN A 165 -6.43 24.18 4.40
C ASN A 165 -5.84 23.88 5.79
N PHE A 166 -4.88 22.94 5.85
CA PHE A 166 -4.02 22.69 7.07
C PHE A 166 -2.54 22.84 6.70
N PRO A 167 -2.10 24.08 6.49
CA PRO A 167 -0.89 24.27 5.73
C PRO A 167 0.41 23.94 6.49
N ILE A 168 0.40 23.76 7.80
CA ILE A 168 1.64 23.35 8.52
C ILE A 168 1.48 21.93 9.08
N ALA A 169 0.29 21.62 9.60
CA ALA A 169 0.05 20.38 10.27
C ALA A 169 0.22 19.19 9.31
N VAL A 170 -0.56 19.23 8.25
CA VAL A 170 -0.77 18.09 7.38
C VAL A 170 0.48 17.82 6.54
N PRO A 171 1.16 18.87 6.09
CA PRO A 171 2.52 18.66 5.54
C PRO A 171 3.49 17.96 6.51
N SER A 172 3.48 18.36 7.78
CA SER A 172 4.35 17.73 8.80
C SER A 172 4.04 16.24 9.00
N TRP A 173 2.80 15.79 8.82
CA TRP A 173 2.46 14.35 8.92
C TRP A 173 3.25 13.53 7.89
N LYS A 174 3.60 14.18 6.78
CA LYS A 174 4.25 13.56 5.63
C LYS A 174 5.76 13.81 5.67
N LEU A 175 6.15 15.08 5.85
CA LEU A 175 7.54 15.53 5.75
C LEU A 175 8.41 14.89 6.84
N ILE A 176 7.90 14.90 8.06
CA ILE A 176 8.67 14.51 9.23
C ILE A 176 8.94 13.00 9.24
N PRO A 177 7.90 12.13 9.21
CA PRO A 177 8.21 10.70 9.19
C PRO A 177 9.02 10.28 7.94
N ALA A 178 8.90 11.04 6.86
CA ALA A 178 9.65 10.75 5.65
C ALA A 178 11.14 10.94 5.91
N VAL A 179 11.54 12.12 6.39
CA VAL A 179 12.98 12.38 6.61
C VAL A 179 13.48 11.57 7.81
N LEU A 180 12.62 11.25 8.78
CA LEU A 180 13.09 10.52 9.99
C LEU A 180 13.52 9.09 9.62
N THR A 181 12.73 8.44 8.77
CA THR A 181 13.04 7.10 8.32
C THR A 181 14.11 7.11 7.23
N GLY A 182 14.68 8.27 6.90
CA GLY A 182 15.90 8.34 6.11
C GLY A 182 15.65 8.59 4.63
N ASN A 183 14.42 8.94 4.30
CA ASN A 183 14.08 9.29 2.94
C ASN A 183 14.45 10.74 2.69
N THR A 184 14.38 11.12 1.43
CA THR A 184 14.66 12.46 0.98
C THR A 184 13.39 12.94 0.24
N VAL A 185 13.17 14.24 0.10
CA VAL A 185 11.83 14.71 -0.26
C VAL A 185 11.87 15.78 -1.36
N VAL A 186 10.91 15.71 -2.27
CA VAL A 186 10.51 16.87 -3.09
C VAL A 186 9.07 17.26 -2.71
N TRP A 187 8.89 18.52 -2.33
CA TRP A 187 7.60 18.96 -1.81
C TRP A 187 7.04 20.07 -2.69
N LYS A 188 5.80 19.89 -3.13
CA LYS A 188 5.06 20.86 -3.91
C LYS A 188 3.90 21.33 -3.03
N PRO A 189 4.04 22.51 -2.43
CA PRO A 189 2.96 22.96 -1.58
C PRO A 189 1.92 23.80 -2.31
N SER A 190 0.71 23.72 -1.75
CA SER A 190 -0.46 24.44 -2.19
C SER A 190 -0.09 25.90 -2.46
N GLU A 191 -0.49 26.38 -3.65
CA GLU A 191 -0.32 27.77 -4.01
C GLU A 191 -1.18 28.67 -3.10
N ASP A 192 -2.00 28.06 -2.23
CA ASP A 192 -2.78 28.79 -1.24
C ASP A 192 -1.96 29.12 0.01
N ALA A 193 -0.83 28.42 0.21
CA ALA A 193 -0.03 28.64 1.43
C ALA A 193 1.47 28.52 1.13
N PRO A 194 1.98 29.32 0.20
CA PRO A 194 3.38 29.15 -0.18
C PRO A 194 4.36 29.78 0.82
N THR A 195 3.98 30.91 1.44
CA THR A 195 4.86 31.55 2.41
C THR A 195 5.09 30.60 3.60
N LEU A 196 4.04 29.99 4.17
CA LEU A 196 4.21 29.08 5.33
C LEU A 196 5.13 27.92 4.99
N SER A 197 5.08 27.46 3.73
CA SER A 197 5.84 26.29 3.31
C SER A 197 7.31 26.65 3.16
N PHE A 198 7.57 27.82 2.59
CA PHE A 198 8.92 28.35 2.47
C PHE A 198 9.53 28.49 3.87
N VAL A 199 8.80 29.14 4.77
CA VAL A 199 9.18 29.27 6.17
C VAL A 199 9.49 27.88 6.77
N PHE A 200 8.55 26.94 6.66
CA PHE A 200 8.65 25.69 7.36
C PHE A 200 9.88 24.93 6.85
N ALA A 201 10.19 25.14 5.57
CA ALA A 201 11.36 24.52 4.97
C ALA A 201 12.64 25.16 5.52
N LYS A 202 12.57 26.47 5.78
CA LYS A 202 13.69 27.21 6.37
C LYS A 202 13.87 26.82 7.86
N LEU A 203 12.77 26.63 8.60
CA LEU A 203 12.86 26.18 10.01
C LEU A 203 13.57 24.83 10.08
N PHE A 204 13.18 23.91 9.20
CA PHE A 204 13.88 22.62 9.03
C PHE A 204 15.38 22.80 8.76
N GLU A 205 15.74 23.79 7.95
CA GLU A 205 17.13 24.05 7.60
C GLU A 205 17.86 24.43 8.89
N GLU A 206 17.24 25.36 9.64
CA GLU A 206 17.80 25.89 10.89
C GLU A 206 17.92 24.77 11.93
N ALA A 207 17.02 23.79 11.85
CA ALA A 207 16.99 22.70 12.81
C ALA A 207 18.16 21.74 12.52
N GLY A 208 18.76 21.83 11.35
CA GLY A 208 19.90 20.98 10.99
C GLY A 208 19.66 20.03 9.83
N LEU A 209 18.58 20.17 9.08
CA LEU A 209 18.36 19.24 7.97
C LEU A 209 19.38 19.57 6.87
N PRO A 210 20.17 18.58 6.47
CA PRO A 210 21.17 18.86 5.41
C PRO A 210 20.50 19.29 4.09
N PRO A 211 21.15 20.17 3.33
CA PRO A 211 20.59 20.64 2.05
C PRO A 211 20.37 19.52 1.02
N GLY A 212 19.21 19.53 0.38
CA GLY A 212 18.89 18.51 -0.62
C GLY A 212 18.04 17.39 -0.05
N VAL A 213 18.03 17.27 1.27
CA VAL A 213 17.21 16.27 1.93
C VAL A 213 15.75 16.71 1.77
N LEU A 214 15.52 18.02 1.98
CA LEU A 214 14.23 18.64 1.68
C LEU A 214 14.43 19.62 0.53
N ASN A 215 13.66 19.45 -0.56
CA ASN A 215 13.54 20.42 -1.66
C ASN A 215 12.07 20.81 -1.83
N VAL A 216 11.84 22.09 -2.11
CA VAL A 216 10.50 22.65 -2.23
C VAL A 216 10.36 23.32 -3.60
N VAL A 217 9.31 22.95 -4.33
CA VAL A 217 9.03 23.53 -5.64
C VAL A 217 7.57 24.03 -5.67
N PHE A 218 7.40 25.33 -5.92
CA PHE A 218 6.09 25.99 -5.86
C PHE A 218 5.40 26.01 -7.22
N GLY A 219 4.09 26.19 -7.18
CA GLY A 219 3.32 26.21 -8.42
C GLY A 219 1.91 25.77 -8.15
N GLY A 220 1.19 25.51 -9.25
CA GLY A 220 -0.22 25.09 -9.23
C GLY A 220 -0.35 23.57 -9.32
N GLY A 221 -1.55 23.10 -9.57
CA GLY A 221 -1.83 21.66 -9.64
C GLY A 221 -2.01 21.18 -11.08
N LYS A 222 -3.26 21.13 -11.55
CA LYS A 222 -3.55 20.68 -12.92
C LYS A 222 -2.87 21.65 -13.90
N GLY A 223 -2.22 21.09 -14.93
CA GLY A 223 -1.48 21.86 -15.94
C GLY A 223 -0.34 22.67 -15.36
N SER A 224 -0.01 22.42 -14.10
CA SER A 224 1.09 23.13 -13.48
C SER A 224 1.98 22.10 -12.77
N THR A 225 2.83 22.62 -11.88
CA THR A 225 3.87 21.88 -11.18
C THR A 225 3.35 20.56 -10.61
N GLY A 226 2.22 20.60 -9.92
CA GLY A 226 1.66 19.40 -9.30
C GLY A 226 1.47 18.26 -10.29
N GLN A 227 1.04 18.60 -11.47
CA GLN A 227 0.84 17.61 -12.45
C GLN A 227 2.20 17.13 -12.97
N TRP A 228 3.10 18.07 -13.27
CA TRP A 228 4.45 17.70 -13.77
C TRP A 228 5.07 16.72 -12.77
N MET A 229 4.84 17.02 -11.50
CA MET A 229 5.40 16.30 -10.38
C MET A 229 4.90 14.83 -10.38
N VAL A 230 3.61 14.62 -10.57
CA VAL A 230 3.06 13.27 -10.70
C VAL A 230 3.66 12.57 -11.93
N GLU A 231 3.67 13.27 -13.07
CA GLU A 231 4.14 12.69 -14.31
C GLU A 231 5.57 12.17 -14.17
N LEU A 232 6.35 12.72 -13.24
CA LEU A 232 7.74 12.28 -13.11
C LEU A 232 7.82 10.90 -12.46
N MET A 233 6.72 10.36 -11.93
CA MET A 233 6.78 8.99 -11.38
C MET A 233 7.05 8.01 -12.51
N ASP A 234 6.58 8.36 -13.71
CA ASP A 234 6.83 7.59 -14.91
C ASP A 234 8.31 7.62 -15.36
N GLU A 235 9.11 8.59 -14.91
CA GLU A 235 10.55 8.56 -15.17
C GLU A 235 11.27 7.91 -13.98
N GLY A 236 10.53 7.33 -13.02
CA GLY A 236 11.08 6.64 -11.83
C GLY A 236 11.88 7.55 -10.91
N LEU A 237 11.58 8.84 -10.85
CA LEU A 237 12.32 9.77 -9.98
C LEU A 237 11.77 9.70 -8.55
N PHE A 238 10.62 9.09 -8.36
CA PHE A 238 10.08 8.94 -7.05
C PHE A 238 9.93 7.45 -6.75
N GLN A 239 10.35 7.11 -5.52
CA GLN A 239 10.21 5.81 -4.92
C GLN A 239 8.99 5.82 -3.99
N LYS A 240 8.32 6.95 -3.83
CA LYS A 240 7.14 7.06 -2.97
C LYS A 240 6.43 8.38 -3.24
N PHE A 241 5.13 8.41 -3.03
CA PHE A 241 4.35 9.63 -3.28
C PHE A 241 3.20 9.72 -2.27
N ALA A 242 3.04 10.91 -1.70
CA ALA A 242 1.97 11.20 -0.76
C ALA A 242 1.17 12.41 -1.28
N PHE A 243 -0.15 12.33 -1.14
CA PHE A 243 -1.01 13.37 -1.65
C PHE A 243 -2.20 13.58 -0.73
N THR A 244 -2.53 14.86 -0.50
CA THR A 244 -3.78 15.22 0.14
C THR A 244 -4.60 16.03 -0.85
N GLY A 245 -5.85 15.65 -1.10
CA GLY A 245 -6.64 16.39 -2.07
C GLY A 245 -7.93 15.70 -2.45
N SER A 246 -8.40 15.99 -3.67
CA SER A 246 -9.73 15.58 -4.10
C SER A 246 -9.69 14.11 -4.51
N THR A 247 -10.83 13.43 -4.44
CA THR A 247 -10.85 12.05 -4.85
C THR A 247 -10.54 11.96 -6.35
N GLN A 248 -11.03 12.91 -7.17
CA GLN A 248 -10.76 12.85 -8.64
C GLN A 248 -9.24 12.74 -8.81
N VAL A 249 -8.53 13.71 -8.29
CA VAL A 249 -7.08 13.76 -8.44
C VAL A 249 -6.44 12.52 -7.79
N GLY A 250 -6.93 12.11 -6.63
CA GLY A 250 -6.34 10.95 -5.95
C GLY A 250 -6.32 9.71 -6.82
N ARG A 251 -7.46 9.44 -7.46
CA ARG A 251 -7.62 8.28 -8.33
C ARG A 251 -6.56 8.34 -9.43
N TRP A 252 -6.30 9.53 -9.96
CA TRP A 252 -5.34 9.67 -11.06
C TRP A 252 -3.93 9.36 -10.54
N ILE A 253 -3.58 9.97 -9.44
CA ILE A 253 -2.28 9.81 -8.83
C ILE A 253 -2.11 8.33 -8.44
N GLY A 254 -3.18 7.75 -7.93
CA GLY A 254 -3.20 6.34 -7.63
C GLY A 254 -2.82 5.49 -8.83
N GLU A 255 -3.35 5.85 -9.99
CA GLU A 255 -3.13 5.07 -11.16
C GLU A 255 -1.66 5.19 -11.59
N VAL A 256 -1.13 6.40 -11.55
CA VAL A 256 0.24 6.65 -12.02
C VAL A 256 1.22 5.92 -11.08
N ALA A 257 0.97 6.05 -9.79
CA ALA A 257 1.78 5.36 -8.80
C ALA A 257 1.65 3.85 -9.00
N GLY A 258 0.43 3.43 -9.28
CA GLY A 258 0.12 2.04 -9.57
C GLY A 258 1.06 1.44 -10.60
N ARG A 259 1.14 2.04 -11.81
CA ARG A 259 1.87 1.40 -12.89
C ARG A 259 3.38 1.48 -12.65
N ASN A 260 3.78 2.36 -11.74
CA ASN A 260 5.18 2.54 -11.36
C ASN A 260 5.47 1.78 -10.05
N LEU A 261 4.61 0.85 -9.62
CA LEU A 261 4.81 0.04 -8.41
C LEU A 261 5.15 0.88 -7.16
N ILE A 262 4.41 1.97 -6.95
CA ILE A 262 4.50 2.74 -5.74
C ILE A 262 3.20 2.57 -4.95
N ARG A 263 3.26 2.27 -3.66
CA ARG A 263 2.13 2.52 -2.77
C ARG A 263 2.08 4.01 -2.44
N PRO A 264 1.05 4.71 -2.91
CA PRO A 264 0.94 6.09 -2.52
C PRO A 264 0.04 6.27 -1.30
N THR A 265 0.22 7.37 -0.59
CA THR A 265 -0.58 7.74 0.57
C THR A 265 -1.64 8.74 0.11
N LEU A 266 -2.91 8.50 0.38
CA LEU A 266 -3.92 9.30 -0.27
C LEU A 266 -4.99 9.67 0.74
N GLU A 267 -4.96 10.90 1.30
CA GLU A 267 -6.08 11.47 2.08
C GLU A 267 -7.01 12.19 1.11
N LEU A 268 -8.23 11.73 0.93
CA LEU A 268 -9.03 12.20 -0.17
C LEU A 268 -10.38 12.73 0.29
N GLY A 269 -10.49 13.30 1.47
CA GLY A 269 -11.79 13.92 1.84
C GLY A 269 -12.96 12.94 1.89
N GLY A 270 -14.13 13.46 2.27
CA GLY A 270 -15.26 12.61 2.63
C GLY A 270 -16.55 13.37 2.88
N LYS A 271 -17.57 12.57 3.15
CA LYS A 271 -18.90 13.03 3.45
C LYS A 271 -19.30 12.39 4.79
N ASN A 272 -18.99 13.11 5.84
CA ASN A 272 -18.78 12.52 7.14
C ASN A 272 -20.11 12.53 7.93
N PRO A 273 -20.69 11.34 8.17
CA PRO A 273 -21.95 11.16 8.90
C PRO A 273 -21.80 11.44 10.39
N LEU A 274 -22.74 12.21 10.95
CA LEU A 274 -22.80 12.43 12.39
C LEU A 274 -24.20 12.05 12.84
N VAL A 275 -24.34 11.04 13.69
CA VAL A 275 -25.64 10.50 14.09
C VAL A 275 -26.00 10.99 15.50
N VAL A 276 -27.24 11.40 15.69
CA VAL A 276 -27.74 11.85 16.99
C VAL A 276 -28.94 10.98 17.33
N MET A 277 -28.71 10.06 18.25
CA MET A 277 -29.73 9.11 18.69
C MET A 277 -30.68 9.80 19.66
N ARG A 278 -31.89 9.23 19.81
CA ARG A 278 -32.96 9.81 20.67
C ARG A 278 -32.47 10.03 22.10
N ASP A 279 -31.66 9.10 22.63
CA ASP A 279 -31.14 9.21 24.01
C ASP A 279 -29.93 10.12 24.16
N ALA A 280 -29.67 10.99 23.20
CA ALA A 280 -28.45 11.76 23.25
C ALA A 280 -28.68 12.97 24.13
N ASP A 281 -27.57 13.53 24.54
CA ASP A 281 -27.48 14.81 25.18
C ASP A 281 -27.57 15.92 24.09
N LEU A 282 -28.73 16.54 23.91
CA LEU A 282 -28.97 17.44 22.76
C LEU A 282 -27.96 18.60 22.70
N ASP A 283 -27.77 19.32 23.80
CA ASP A 283 -26.83 20.43 23.78
C ASP A 283 -25.43 20.02 23.34
N LEU A 284 -24.97 18.85 23.80
CA LEU A 284 -23.64 18.41 23.47
C LEU A 284 -23.58 18.01 21.99
N ALA A 285 -24.64 17.36 21.52
CA ALA A 285 -24.69 16.87 20.13
C ALA A 285 -24.85 18.05 19.16
N VAL A 286 -25.55 19.10 19.58
CA VAL A 286 -25.66 20.30 18.78
C VAL A 286 -24.29 21.00 18.71
N GLU A 287 -23.59 21.13 19.83
CA GLU A 287 -22.26 21.76 19.82
C GLU A 287 -21.31 20.99 18.89
N GLY A 288 -21.53 19.69 18.73
CA GLY A 288 -20.62 18.83 17.98
C GLY A 288 -20.95 18.82 16.49
N ALA A 289 -22.24 18.84 16.17
CA ALA A 289 -22.69 19.05 14.81
C ALA A 289 -22.24 20.44 14.34
N TRP A 290 -22.50 21.43 15.19
CA TRP A 290 -22.17 22.81 14.88
C TRP A 290 -20.67 22.94 14.58
N TRP A 291 -19.83 22.47 15.48
CA TRP A 291 -18.38 22.56 15.29
C TRP A 291 -17.90 21.68 14.12
N SER A 292 -18.47 20.49 13.94
CA SER A 292 -18.14 19.62 12.79
C SER A 292 -18.42 20.33 11.43
N ALA A 293 -19.55 21.03 11.38
CA ALA A 293 -19.98 21.74 10.18
C ALA A 293 -19.09 22.97 9.93
N PHE A 294 -18.95 23.86 10.91
CA PHE A 294 -18.49 25.21 10.61
C PHE A 294 -17.03 25.44 11.01
N ALA A 295 -16.37 24.51 11.66
CA ALA A 295 -14.93 24.67 11.86
C ALA A 295 -14.23 24.69 10.51
N THR A 296 -13.37 25.73 10.39
CA THR A 296 -12.58 26.09 9.19
C THR A 296 -13.54 26.41 8.04
N GLY A 297 -14.75 26.87 8.38
CA GLY A 297 -15.75 27.20 7.38
C GLY A 297 -16.15 25.99 6.54
N GLY A 298 -16.06 24.79 7.12
CA GLY A 298 -16.49 23.54 6.50
C GLY A 298 -15.53 23.06 5.44
N GLN A 299 -14.27 23.53 5.52
CA GLN A 299 -13.22 23.25 4.51
C GLN A 299 -12.22 22.24 5.11
N ARG A 300 -12.72 21.19 5.74
CA ARG A 300 -11.88 20.13 6.24
C ARG A 300 -12.25 18.81 5.58
N CYS A 301 -11.25 17.97 5.25
CA CYS A 301 -11.53 16.59 4.81
C CYS A 301 -12.63 15.98 5.70
N THR A 302 -12.63 16.31 6.98
CA THR A 302 -13.41 15.59 7.99
C THR A 302 -14.65 16.39 8.43
N SER A 303 -14.94 17.52 7.79
CA SER A 303 -16.08 18.32 8.19
C SER A 303 -17.34 17.47 7.95
N ALA A 304 -18.37 17.68 8.76
CA ALA A 304 -19.57 16.86 8.71
C ALA A 304 -20.35 17.17 7.45
N GLY A 305 -20.86 16.16 6.76
CA GLY A 305 -21.70 16.37 5.58
C GLY A 305 -23.18 16.21 5.87
N ASN A 306 -23.52 15.27 6.74
CA ASN A 306 -24.90 14.96 7.07
C ASN A 306 -25.02 14.67 8.57
N ILE A 307 -25.95 15.38 9.22
CA ILE A 307 -26.40 15.07 10.58
C ILE A 307 -27.58 14.11 10.46
N LEU A 308 -27.48 12.88 10.98
CA LEU A 308 -28.61 11.94 10.94
C LEU A 308 -29.35 11.97 12.29
N VAL A 309 -30.53 12.58 12.33
CA VAL A 309 -31.18 12.81 13.61
C VAL A 309 -32.30 11.79 13.81
N ASP A 310 -32.33 11.18 15.00
CA ASP A 310 -33.27 10.10 15.29
C ASP A 310 -34.67 10.70 15.38
N ALA A 311 -35.61 10.03 14.73
CA ALA A 311 -36.94 10.57 14.45
C ALA A 311 -37.58 11.18 15.72
N PRO A 312 -37.65 10.41 16.82
CA PRO A 312 -38.19 11.00 18.05
C PRO A 312 -37.69 12.42 18.40
N ILE A 313 -36.42 12.75 18.18
CA ILE A 313 -35.92 14.06 18.64
C ILE A 313 -35.72 15.03 17.47
N TYR A 314 -36.20 14.67 16.27
CA TYR A 314 -35.82 15.39 15.05
C TYR A 314 -36.12 16.89 15.18
N GLU A 315 -37.38 17.18 15.50
CA GLU A 315 -37.90 18.55 15.53
C GLU A 315 -37.19 19.37 16.60
N GLU A 316 -37.06 18.79 17.78
CA GLU A 316 -36.40 19.48 18.91
C GLU A 316 -34.95 19.77 18.50
N PHE A 317 -34.25 18.78 17.91
CA PHE A 317 -32.84 18.97 17.55
C PHE A 317 -32.72 20.10 16.53
N LYS A 318 -33.54 20.01 15.49
CA LYS A 318 -33.47 20.94 14.38
C LYS A 318 -33.68 22.38 14.88
N ARG A 319 -34.64 22.60 15.77
CA ARG A 319 -34.87 23.96 16.30
C ARG A 319 -33.61 24.49 17.03
N ARG A 320 -33.01 23.64 17.87
CA ARG A 320 -31.85 24.05 18.66
C ARG A 320 -30.61 24.23 17.77
N PHE A 321 -30.49 23.39 16.74
CA PHE A 321 -29.35 23.47 15.84
C PHE A 321 -29.36 24.80 15.10
N LEU A 322 -30.52 25.16 14.52
CA LEU A 322 -30.68 26.44 13.81
C LEU A 322 -30.43 27.62 14.76
N GLU A 323 -30.93 27.53 15.99
CA GLU A 323 -30.64 28.58 16.96
C GLU A 323 -29.11 28.74 17.02
N ARG A 324 -28.42 27.63 17.13
CA ARG A 324 -26.97 27.67 17.33
C ARG A 324 -26.28 28.20 16.06
N VAL A 325 -26.78 27.80 14.89
CA VAL A 325 -26.16 28.19 13.64
C VAL A 325 -26.34 29.68 13.42
N GLU A 326 -27.54 30.19 13.71
CA GLU A 326 -27.89 31.62 13.65
C GLU A 326 -26.81 32.45 14.39
N ALA A 327 -26.31 31.91 15.49
CA ALA A 327 -25.33 32.58 16.30
C ALA A 327 -23.94 32.62 15.64
N THR A 328 -23.63 31.76 14.65
CA THR A 328 -22.27 31.73 14.07
C THR A 328 -21.83 33.16 13.68
N LEU A 329 -20.65 33.55 14.14
CA LEU A 329 -20.00 34.78 13.65
C LEU A 329 -19.15 34.44 12.43
N VAL A 330 -19.02 35.41 11.51
CA VAL A 330 -18.22 35.23 10.25
C VAL A 330 -17.46 36.53 9.93
N GLY A 331 -16.20 36.46 9.48
CA GLY A 331 -15.48 37.74 9.28
C GLY A 331 -13.98 37.60 9.13
N ASN A 332 -13.31 38.74 8.93
CA ASN A 332 -11.87 38.80 8.68
C ASN A 332 -11.14 38.41 9.97
N PRO A 333 -10.64 37.17 10.04
CA PRO A 333 -10.16 36.68 11.33
C PRO A 333 -8.90 37.39 11.82
N LEU A 334 -8.22 38.11 10.93
CA LEU A 334 -7.12 38.99 11.36
C LEU A 334 -7.67 40.17 12.16
N LEU A 335 -8.80 40.74 11.75
CA LEU A 335 -9.36 41.89 12.43
C LEU A 335 -10.36 41.46 13.49
N HIS A 336 -10.91 40.25 13.42
CA HIS A 336 -11.93 39.86 14.37
C HIS A 336 -11.68 38.42 14.84
N PRO A 337 -10.72 38.23 15.76
CA PRO A 337 -10.35 36.88 16.21
C PRO A 337 -11.54 36.06 16.77
N GLU A 338 -12.55 36.74 17.31
CA GLU A 338 -13.75 36.14 17.96
C GLU A 338 -14.62 35.39 16.95
N VAL A 339 -14.29 35.52 15.68
CA VAL A 339 -15.17 35.06 14.64
C VAL A 339 -15.06 33.53 14.56
N THR A 340 -16.13 32.82 14.22
CA THR A 340 -16.08 31.35 14.03
C THR A 340 -15.28 30.99 12.78
N TYR A 341 -15.69 31.47 11.61
CA TYR A 341 -14.91 31.20 10.40
C TYR A 341 -14.85 32.45 9.52
N GLY A 342 -13.97 32.42 8.55
CA GLY A 342 -13.71 33.55 7.68
C GLY A 342 -13.98 33.22 6.22
N PRO A 343 -13.03 33.54 5.33
CA PRO A 343 -13.24 33.41 3.91
C PRO A 343 -12.99 32.00 3.37
N PHE A 344 -13.29 31.77 2.11
CA PHE A 344 -12.87 30.55 1.43
C PHE A 344 -11.35 30.60 1.22
N ILE A 345 -10.69 29.46 1.32
CA ILE A 345 -9.24 29.44 1.14
C ILE A 345 -8.92 29.86 -0.30
N ASN A 346 -9.68 29.33 -1.25
CA ASN A 346 -9.42 29.61 -2.65
C ASN A 346 -10.74 29.78 -3.43
N GLU A 347 -10.59 30.14 -4.71
CA GLU A 347 -11.69 30.55 -5.60
C GLU A 347 -12.49 29.33 -6.05
N ARG A 348 -11.74 28.27 -6.29
CA ARG A 348 -12.25 26.98 -6.67
C ARG A 348 -13.29 26.48 -5.64
N PHE A 349 -13.04 26.53 -4.33
CA PHE A 349 -14.05 26.01 -3.37
C PHE A 349 -15.26 26.94 -3.31
N PHE A 350 -15.02 28.24 -3.41
CA PHE A 350 -16.12 29.18 -3.41
C PHE A 350 -17.08 28.85 -4.55
N ALA A 351 -16.50 28.51 -5.70
CA ALA A 351 -17.29 28.21 -6.89
C ALA A 351 -18.11 26.92 -6.73
N ARG A 352 -17.47 25.85 -6.25
CA ARG A 352 -18.15 24.55 -6.13
C ARG A 352 -19.28 24.72 -5.09
N TRP A 353 -19.03 25.52 -4.08
CA TRP A 353 -19.98 25.67 -3.01
C TRP A 353 -21.16 26.51 -3.50
N GLN A 354 -20.90 27.47 -4.37
CA GLN A 354 -22.00 28.29 -4.90
C GLN A 354 -22.89 27.40 -5.77
N GLU A 355 -22.30 26.54 -6.60
CA GLU A 355 -23.06 25.60 -7.42
C GLU A 355 -23.91 24.68 -6.54
N HIS A 356 -23.49 24.38 -5.32
CA HIS A 356 -24.21 23.33 -4.55
C HIS A 356 -25.64 23.80 -4.24
N TYR A 357 -25.85 25.11 -4.16
CA TYR A 357 -27.19 25.66 -3.92
C TYR A 357 -28.13 25.32 -5.09
N ARG A 358 -27.62 25.40 -6.30
CA ARG A 358 -28.47 25.18 -7.45
C ARG A 358 -28.75 23.68 -7.60
N VAL A 359 -27.79 22.79 -7.29
CA VAL A 359 -28.02 21.33 -7.33
C VAL A 359 -29.06 20.96 -6.27
N GLY A 360 -28.97 21.63 -5.14
CA GLY A 360 -29.91 21.44 -4.06
C GLY A 360 -31.32 21.77 -4.50
N GLU A 361 -31.56 23.00 -4.96
CA GLU A 361 -32.88 23.39 -5.40
C GLU A 361 -33.35 22.43 -6.48
N ALA A 362 -32.48 22.09 -7.42
CA ALA A 362 -32.86 21.25 -8.56
C ALA A 362 -33.36 19.85 -8.12
N GLU A 363 -32.69 19.20 -7.17
CA GLU A 363 -33.10 17.84 -6.75
C GLU A 363 -34.12 17.93 -5.60
N GLY A 364 -34.42 19.14 -5.13
CA GLY A 364 -35.58 19.37 -4.29
C GLY A 364 -35.24 19.35 -2.80
N ALA A 365 -34.01 19.56 -2.42
CA ALA A 365 -33.69 19.71 -1.02
C ALA A 365 -34.43 20.92 -0.45
N ARG A 366 -34.81 20.91 0.83
CA ARG A 366 -35.43 22.09 1.47
C ARG A 366 -34.31 22.91 2.11
N LEU A 367 -34.15 24.14 1.69
CA LEU A 367 -33.08 24.99 2.23
C LEU A 367 -33.59 25.65 3.51
N LEU A 368 -33.05 25.28 4.67
CA LEU A 368 -33.57 25.82 5.95
C LEU A 368 -32.91 27.15 6.30
N PHE A 369 -31.71 27.44 5.82
CA PHE A 369 -31.00 28.67 6.26
C PHE A 369 -29.76 28.82 5.38
N GLY A 370 -29.51 30.05 4.95
CA GLY A 370 -28.39 30.36 4.06
C GLY A 370 -28.84 31.07 2.81
N ARG A 371 -28.23 32.23 2.54
CA ARG A 371 -28.52 33.07 1.37
C ARG A 371 -27.25 33.19 0.49
N GLY A 372 -26.47 32.11 0.35
CA GLY A 372 -25.30 32.11 -0.55
C GLY A 372 -24.17 33.06 -0.12
N ARG A 373 -23.49 33.71 -1.06
CA ARG A 373 -22.34 34.55 -0.74
C ARG A 373 -22.74 35.84 0.02
N ILE A 374 -21.94 36.15 1.04
CA ILE A 374 -22.12 37.37 1.84
C ILE A 374 -21.46 38.51 1.07
N THR A 375 -22.29 39.54 0.91
CA THR A 375 -21.97 40.80 0.22
C THR A 375 -22.69 41.98 0.90
N ARG A 376 -22.41 43.19 0.42
CA ARG A 376 -23.12 44.41 0.84
C ARG A 376 -24.61 44.24 0.52
N GLU A 377 -24.88 43.86 -0.73
CA GLU A 377 -26.27 43.73 -1.18
C GLU A 377 -26.93 42.49 -0.58
N ASN A 378 -26.19 41.58 0.04
CA ASN A 378 -26.82 40.41 0.68
C ASN A 378 -26.12 40.16 2.02
N PRO A 379 -26.29 41.07 2.99
CA PRO A 379 -25.47 41.10 4.20
C PRO A 379 -25.86 39.97 5.17
N TYR A 380 -24.93 39.64 6.06
CA TYR A 380 -25.14 38.58 7.03
C TYR A 380 -25.17 39.21 8.43
N PRO A 381 -26.24 38.96 9.22
CA PRO A 381 -26.38 39.63 10.50
C PRO A 381 -25.16 39.49 11.42
N ARG A 382 -24.51 38.36 11.50
CA ARG A 382 -23.38 38.30 12.43
C ARG A 382 -22.05 38.33 11.66
N PHE A 383 -21.98 39.13 10.60
CA PHE A 383 -20.72 39.33 9.90
C PHE A 383 -19.94 40.47 10.58
N LEU A 384 -18.61 40.37 10.66
CA LEU A 384 -17.78 41.48 11.16
C LEU A 384 -16.68 41.81 10.13
N GLY A 385 -16.68 43.06 9.67
CA GLY A 385 -15.73 43.52 8.66
C GLY A 385 -16.45 43.79 7.35
N ASP A 386 -15.69 43.82 6.27
CA ASP A 386 -16.21 44.10 4.93
C ASP A 386 -16.21 42.84 4.04
N PRO A 387 -17.42 42.30 3.72
CA PRO A 387 -17.67 41.01 3.02
C PRO A 387 -17.34 40.96 1.52
N GLU A 388 -16.97 42.13 1.02
CA GLU A 388 -16.58 42.31 -0.35
C GLU A 388 -15.06 42.24 -0.44
N ALA A 389 -14.34 42.38 0.65
CA ALA A 389 -12.88 42.29 0.57
C ALA A 389 -12.48 40.87 0.18
N GLY A 390 -13.39 39.89 0.32
CA GLY A 390 -13.08 38.50 -0.03
C GLY A 390 -14.32 37.64 -0.17
N LEU A 391 -14.08 36.35 -0.34
CA LEU A 391 -15.16 35.40 -0.59
C LEU A 391 -15.61 34.76 0.73
N TYR A 392 -16.77 35.19 1.22
CA TYR A 392 -17.31 34.67 2.48
C TYR A 392 -18.67 34.01 2.20
N GLY A 393 -19.01 32.96 2.94
CA GLY A 393 -20.27 32.23 2.69
C GLY A 393 -21.21 32.24 3.89
N TRP A 394 -22.47 32.55 3.63
CA TRP A 394 -23.56 32.28 4.59
C TRP A 394 -23.46 30.85 5.12
N PRO A 395 -23.61 30.68 6.44
CA PRO A 395 -23.78 29.33 6.96
C PRO A 395 -25.00 28.74 6.24
N THR A 396 -25.00 27.45 5.99
CA THR A 396 -26.04 26.90 5.12
C THR A 396 -26.51 25.54 5.66
N VAL A 397 -27.84 25.39 5.70
CA VAL A 397 -28.43 24.20 6.27
C VAL A 397 -29.58 23.73 5.37
N TRP A 398 -29.59 22.44 5.09
CA TRP A 398 -30.57 21.80 4.23
C TRP A 398 -31.26 20.68 5.02
N GLU A 399 -32.45 20.25 4.58
CA GLU A 399 -32.91 18.86 4.80
C GLU A 399 -32.84 18.10 3.46
N VAL A 400 -32.43 16.84 3.43
CA VAL A 400 -32.14 16.21 2.14
C VAL A 400 -32.58 14.74 2.20
N ARG A 401 -32.98 14.19 1.07
CA ARG A 401 -33.22 12.78 1.06
C ARG A 401 -31.84 12.12 0.87
N PRO A 402 -31.60 10.97 1.53
CA PRO A 402 -30.50 10.07 1.14
C PRO A 402 -30.56 9.75 -0.36
N GLY A 403 -29.48 9.30 -0.94
CA GLY A 403 -29.49 9.05 -2.38
C GLY A 403 -29.21 10.31 -3.20
N THR A 404 -29.56 11.51 -2.74
CA THR A 404 -29.37 12.73 -3.52
C THR A 404 -27.89 13.11 -3.59
N ARG A 405 -27.57 14.10 -4.43
CA ARG A 405 -26.21 14.58 -4.64
C ARG A 405 -25.71 15.46 -3.49
N LEU A 406 -26.59 16.25 -2.87
CA LEU A 406 -26.16 17.00 -1.70
C LEU A 406 -25.75 16.01 -0.62
N PHE A 407 -26.45 14.88 -0.57
CA PHE A 407 -26.20 13.87 0.44
C PHE A 407 -24.88 13.11 0.16
N THR A 408 -24.58 12.79 -1.09
CA THR A 408 -23.48 11.87 -1.38
C THR A 408 -22.16 12.59 -1.75
N GLU A 409 -22.19 13.85 -2.19
CA GLU A 409 -21.01 14.47 -2.80
C GLU A 409 -20.38 15.47 -1.82
N GLU A 410 -19.05 15.46 -1.74
CA GLU A 410 -18.30 16.37 -0.80
C GLU A 410 -18.37 17.83 -1.31
N VAL A 411 -18.65 18.76 -0.39
CA VAL A 411 -18.84 20.20 -0.70
C VAL A 411 -18.10 21.03 0.36
N PHE A 412 -16.84 21.33 0.10
CA PHE A 412 -16.07 22.25 0.94
C PHE A 412 -16.82 23.59 1.04
N GLY A 413 -17.04 24.00 2.26
CA GLY A 413 -17.79 25.20 2.53
C GLY A 413 -18.74 25.00 3.69
N PRO A 414 -19.24 26.10 4.24
CA PRO A 414 -20.11 26.12 5.40
C PRO A 414 -21.56 25.78 5.02
N THR A 415 -21.75 24.48 4.83
CA THR A 415 -23.03 23.86 4.48
C THR A 415 -23.12 22.56 5.29
N ILE A 416 -24.32 22.23 5.76
CA ILE A 416 -24.57 20.94 6.39
C ILE A 416 -26.00 20.49 6.05
N ASN A 417 -26.24 19.19 5.99
CA ASN A 417 -27.56 18.66 5.76
C ASN A 417 -28.07 18.00 7.06
N LEU A 418 -29.38 18.09 7.31
CA LEU A 418 -30.10 17.25 8.26
C LEU A 418 -30.84 16.15 7.51
N VAL A 419 -30.99 14.99 8.17
CA VAL A 419 -31.69 13.81 7.61
C VAL A 419 -32.41 13.13 8.76
N LYS A 420 -33.66 12.74 8.56
CA LYS A 420 -34.42 12.03 9.59
C LYS A 420 -34.13 10.53 9.43
N VAL A 421 -33.82 9.87 10.53
CA VAL A 421 -33.62 8.43 10.57
C VAL A 421 -34.48 7.87 11.70
N ASP A 422 -34.83 6.59 11.59
CA ASP A 422 -35.55 5.93 12.65
C ASP A 422 -34.70 4.93 13.49
N GLY A 423 -34.38 3.76 12.94
CA GLY A 423 -33.56 2.76 13.67
C GLY A 423 -32.21 3.30 14.13
N ILE A 424 -31.50 2.54 14.97
CA ILE A 424 -30.04 2.58 14.89
C ILE A 424 -29.67 1.80 13.62
N GLU A 425 -30.39 0.70 13.39
CA GLU A 425 -30.39 -0.07 12.16
C GLU A 425 -30.19 0.82 10.93
N GLU A 426 -31.10 1.76 10.83
CA GLU A 426 -31.24 2.53 9.66
C GLU A 426 -30.22 3.68 9.69
N ALA A 427 -30.01 4.31 10.84
CA ALA A 427 -28.94 5.31 10.99
C ALA A 427 -27.63 4.78 10.39
N ILE A 428 -27.30 3.53 10.65
CA ILE A 428 -26.03 2.94 10.18
C ILE A 428 -26.08 2.75 8.66
N ALA A 429 -27.21 2.28 8.16
CA ALA A 429 -27.38 2.07 6.72
C ALA A 429 -27.28 3.40 5.96
N VAL A 430 -27.95 4.44 6.46
CA VAL A 430 -27.89 5.76 5.86
C VAL A 430 -26.45 6.32 6.01
N ALA A 431 -25.82 6.21 7.16
CA ALA A 431 -24.43 6.72 7.38
C ALA A 431 -23.45 6.18 6.33
N ASN A 432 -23.69 4.95 5.88
CA ASN A 432 -22.83 4.26 4.94
C ASN A 432 -23.20 4.56 3.49
N SER A 433 -24.27 5.30 3.19
CA SER A 433 -24.79 5.43 1.78
C SER A 433 -24.10 6.57 1.04
N THR A 434 -22.80 6.50 0.95
CA THR A 434 -21.96 7.61 0.54
C THR A 434 -20.70 6.98 -0.08
N PRO A 435 -20.14 7.56 -1.13
CA PRO A 435 -18.93 6.90 -1.61
C PRO A 435 -17.75 6.98 -0.63
N TYR A 436 -17.84 7.85 0.36
CA TYR A 436 -16.69 8.09 1.23
C TYR A 436 -16.79 7.28 2.52
N GLY A 437 -15.68 7.31 3.25
CA GLY A 437 -15.54 6.51 4.44
C GLY A 437 -14.36 6.96 5.27
N LEU A 438 -14.32 8.25 5.54
CA LEU A 438 -13.20 8.83 6.25
C LEU A 438 -13.52 8.84 7.76
N SER A 439 -14.33 9.83 8.13
CA SER A 439 -14.64 10.17 9.51
C SER A 439 -16.13 9.90 9.77
N SER A 440 -16.49 9.80 11.05
CA SER A 440 -17.86 9.52 11.46
C SER A 440 -18.02 9.84 12.94
N ALA A 441 -19.27 9.96 13.39
CA ALA A 441 -19.56 10.23 14.79
C ALA A 441 -20.97 9.77 15.15
N ILE A 442 -21.16 9.38 16.41
CA ILE A 442 -22.48 9.12 16.98
C ILE A 442 -22.54 9.70 18.39
N TYR A 443 -23.69 10.29 18.70
CA TYR A 443 -24.02 10.86 19.98
C TYR A 443 -25.14 10.00 20.58
N THR A 444 -24.81 9.33 21.69
CA THR A 444 -25.71 8.34 22.29
C THR A 444 -25.16 7.98 23.66
N ASN A 445 -25.98 7.34 24.49
CA ASN A 445 -25.57 6.92 25.86
C ASN A 445 -25.75 5.42 26.08
N HIS A 446 -26.59 4.81 25.26
CA HIS A 446 -26.78 3.38 25.31
C HIS A 446 -25.50 2.72 24.77
N ARG A 447 -24.84 1.95 25.62
CA ARG A 447 -23.63 1.21 25.21
C ARG A 447 -23.89 0.44 23.90
N HIS A 448 -25.08 -0.22 23.74
CA HIS A 448 -25.34 -1.15 22.59
C HIS A 448 -25.39 -0.34 21.28
N TRP A 449 -25.89 0.89 21.40
CA TRP A 449 -26.10 1.73 20.23
C TRP A 449 -24.74 2.21 19.68
N ALA A 450 -23.86 2.66 20.57
CA ALA A 450 -22.49 3.03 20.19
C ALA A 450 -21.71 1.82 19.66
N TYR A 451 -21.92 0.64 20.24
CA TYR A 451 -21.26 -0.58 19.75
C TYR A 451 -21.67 -0.90 18.30
N LEU A 452 -22.95 -0.73 17.98
CA LEU A 452 -23.45 -1.21 16.68
C LEU A 452 -22.96 -0.27 15.57
N PHE A 453 -22.90 1.02 15.91
CA PHE A 453 -22.39 2.01 14.99
C PHE A 453 -20.88 1.86 14.83
N LYS A 454 -20.21 1.63 15.94
CA LYS A 454 -18.77 1.49 15.96
C LYS A 454 -18.35 0.42 14.95
N VAL A 455 -19.08 -0.68 14.92
CA VAL A 455 -18.69 -1.83 14.10
C VAL A 455 -19.54 -1.91 12.82
N GLY A 456 -20.61 -1.11 12.69
CA GLY A 456 -21.45 -1.15 11.48
C GLY A 456 -21.04 -0.12 10.43
N ILE A 457 -20.42 0.98 10.87
CA ILE A 457 -19.93 2.03 9.99
C ILE A 457 -18.75 1.48 9.17
N ARG A 458 -18.58 1.99 7.96
CA ARG A 458 -17.44 1.65 7.11
C ARG A 458 -16.67 2.97 6.94
N ALA A 459 -15.85 3.28 7.94
CA ALA A 459 -15.03 4.51 8.05
C ALA A 459 -13.71 4.14 8.73
N GLY A 460 -12.70 5.00 8.56
CA GLY A 460 -11.38 4.74 9.11
C GLY A 460 -11.17 5.44 10.44
N MET A 461 -12.17 6.27 10.82
CA MET A 461 -12.20 7.00 12.09
C MET A 461 -13.65 7.23 12.55
N THR A 462 -13.88 7.05 13.85
CA THR A 462 -15.21 7.11 14.43
C THR A 462 -15.14 7.76 15.83
N SER A 463 -16.06 8.67 16.08
CA SER A 463 -16.15 9.40 17.36
C SER A 463 -17.44 9.03 18.11
N ILE A 464 -17.35 8.70 19.38
CA ILE A 464 -18.54 8.54 20.20
C ILE A 464 -18.67 9.78 21.12
N ASN A 465 -19.85 10.40 21.10
CA ASN A 465 -20.15 11.69 21.78
C ASN A 465 -19.01 12.69 21.53
N ASN A 466 -18.63 12.81 20.27
CA ASN A 466 -17.56 13.68 19.89
C ASN A 466 -17.68 14.03 18.40
N ALA A 467 -17.20 15.21 18.02
CA ALA A 467 -17.30 15.73 16.64
C ALA A 467 -16.59 14.82 15.64
N THR A 468 -16.94 15.00 14.36
CA THR A 468 -16.24 14.32 13.26
C THR A 468 -14.85 14.94 13.02
N VAL A 469 -14.60 16.12 13.56
CA VAL A 469 -13.31 16.78 13.40
C VAL A 469 -12.52 16.65 14.71
N GLY A 470 -11.26 17.04 14.67
CA GLY A 470 -10.41 17.05 15.87
C GLY A 470 -9.86 15.69 16.25
N ALA A 471 -9.49 14.89 15.24
CA ALA A 471 -8.75 13.65 15.50
C ALA A 471 -7.47 14.01 16.24
N GLU A 472 -7.04 13.14 17.18
CA GLU A 472 -5.83 13.43 17.92
C GLU A 472 -4.63 13.01 17.07
N ALA A 473 -3.56 13.76 17.19
CA ALA A 473 -2.44 13.65 16.26
C ALA A 473 -1.67 12.32 16.43
N HIS A 474 -1.92 11.48 17.43
CA HIS A 474 -1.07 10.29 17.68
C HIS A 474 -1.85 8.99 17.47
N LEU A 475 -2.95 9.12 16.72
CA LEU A 475 -3.87 8.07 16.26
C LEU A 475 -3.83 8.03 14.72
N PRO A 476 -4.12 6.87 14.12
CA PRO A 476 -4.01 6.69 12.67
C PRO A 476 -5.13 7.43 11.92
N PHE A 477 -4.67 8.34 11.08
CA PHE A 477 -5.55 9.22 10.35
C PHE A 477 -5.72 8.67 8.94
N GLY A 478 -6.96 8.55 8.48
CA GLY A 478 -7.15 7.93 7.17
C GLY A 478 -8.55 7.37 6.96
N GLY A 479 -8.87 7.17 5.68
CA GLY A 479 -10.18 6.77 5.24
C GLY A 479 -10.15 5.52 4.39
N VAL A 480 -11.30 4.86 4.37
CA VAL A 480 -11.55 3.71 3.56
C VAL A 480 -12.51 4.17 2.45
N LYS A 481 -12.74 3.31 1.45
CA LYS A 481 -13.62 3.61 0.30
C LYS A 481 -12.98 4.73 -0.53
N ALA A 482 -13.73 5.80 -0.85
CA ALA A 482 -13.24 6.81 -1.79
C ALA A 482 -12.42 7.84 -1.03
N SER A 483 -12.23 7.59 0.28
CA SER A 483 -11.50 8.51 1.10
C SER A 483 -10.02 8.16 1.13
N GLY A 484 -9.63 6.97 0.66
CA GLY A 484 -8.18 6.65 0.49
C GLY A 484 -7.92 5.19 0.17
N ASN A 485 -6.65 4.79 0.13
CA ASN A 485 -6.31 3.50 -0.45
C ASN A 485 -5.80 2.52 0.61
N GLY A 486 -5.76 2.93 1.88
CA GLY A 486 -5.53 1.97 2.97
C GLY A 486 -4.40 2.40 3.91
N GLY A 487 -3.58 3.36 3.50
CA GLY A 487 -2.51 3.89 4.32
C GLY A 487 -3.02 4.74 5.46
N ARG A 488 -2.15 5.07 6.42
CA ARG A 488 -2.52 5.85 7.61
C ARG A 488 -1.38 6.82 7.93
N GLU A 489 -1.64 7.89 8.67
CA GLU A 489 -0.72 9.02 8.58
C GLU A 489 -0.06 9.39 9.91
N SER A 490 -0.67 9.13 11.07
CA SER A 490 0.05 9.62 12.26
C SER A 490 0.67 8.42 13.00
N GLY A 491 1.28 8.66 14.14
CA GLY A 491 1.65 7.57 15.07
C GLY A 491 2.64 6.59 14.46
N ILE A 492 2.66 5.37 15.02
CA ILE A 492 3.52 4.25 14.52
C ILE A 492 3.01 3.75 13.16
N TRP A 493 1.74 3.98 12.82
CA TRP A 493 1.09 3.39 11.65
C TRP A 493 1.67 3.93 10.32
N VAL A 494 2.05 5.21 10.31
CA VAL A 494 2.70 5.84 9.16
C VAL A 494 4.07 5.21 8.85
N LEU A 495 4.67 4.39 9.69
CA LEU A 495 6.00 3.90 9.36
C LEU A 495 5.95 2.94 8.19
N GLU A 496 4.80 2.26 8.00
CA GLU A 496 4.57 1.40 6.82
C GLU A 496 4.68 2.19 5.51
N GLU A 497 4.36 3.48 5.54
CA GLU A 497 4.34 4.32 4.34
C GLU A 497 5.75 4.69 3.89
N TYR A 498 6.66 5.03 4.79
CA TYR A 498 7.91 5.63 4.35
C TYR A 498 9.06 4.60 4.50
N THR A 499 8.75 3.32 4.73
CA THR A 499 9.82 2.30 4.80
C THR A 499 9.36 1.00 4.13
N TYR A 500 10.31 0.11 3.88
CA TYR A 500 10.05 -1.24 3.38
C TYR A 500 10.72 -2.27 4.29
N TRP A 501 10.30 -3.53 4.24
CA TRP A 501 10.84 -4.55 5.15
C TRP A 501 11.96 -5.36 4.51
N HIS A 502 13.19 -5.13 4.98
CA HIS A 502 14.31 -6.00 4.61
C HIS A 502 14.38 -7.21 5.54
N ALA A 503 14.37 -8.42 4.96
CA ALA A 503 14.41 -9.66 5.73
C ALA A 503 15.75 -10.39 5.51
N VAL A 504 16.47 -10.64 6.61
CA VAL A 504 17.82 -11.15 6.56
C VAL A 504 17.88 -12.49 7.29
N ASN A 505 18.60 -13.46 6.74
CA ASN A 505 18.82 -14.76 7.40
C ASN A 505 20.32 -15.05 7.38
N GLU A 506 20.85 -15.34 8.56
CA GLU A 506 22.27 -15.56 8.71
C GLU A 506 22.44 -17.01 9.12
N GLU A 507 23.30 -17.67 8.35
CA GLU A 507 23.67 -19.03 8.58
C GLU A 507 25.08 -19.00 9.18
N TYR A 508 25.27 -19.69 10.31
CA TYR A 508 26.59 -19.71 10.97
C TYR A 508 27.20 -21.12 10.97
N SER A 509 26.35 -22.13 10.70
CA SER A 509 26.85 -23.48 10.37
C SER A 509 27.60 -23.45 9.01
N GLY A 510 28.20 -24.58 8.63
CA GLY A 510 28.66 -24.81 7.25
C GLY A 510 27.83 -25.92 6.61
N ARG A 511 26.53 -25.66 6.39
CA ARG A 511 25.53 -26.67 5.91
C ARG A 511 24.43 -26.01 5.03
N LEU A 512 23.91 -26.70 4.01
CA LEU A 512 23.00 -26.10 2.99
C LEU A 512 21.59 -25.95 3.58
N GLN A 513 21.00 -27.02 4.10
CA GLN A 513 19.59 -27.05 4.59
C GLN A 513 18.73 -26.07 3.78
N ALA B 10 -12.17 -39.98 -17.32
CA ALA B 10 -11.22 -40.90 -18.05
C ALA B 10 -10.21 -41.48 -17.08
N ALA B 11 -9.51 -42.52 -17.54
CA ALA B 11 -8.23 -42.94 -17.01
C ALA B 11 -7.14 -42.24 -17.81
N GLY B 12 -6.14 -41.67 -17.15
CA GLY B 12 -4.97 -41.13 -17.84
C GLY B 12 -3.84 -42.13 -17.84
N LYS B 13 -2.63 -41.67 -18.05
CA LYS B 13 -1.50 -42.59 -18.14
C LYS B 13 -0.90 -42.85 -16.74
N TYR B 14 -0.96 -41.85 -15.86
CA TYR B 14 -0.36 -41.97 -14.51
C TYR B 14 -1.40 -41.68 -13.42
N GLY B 15 -2.68 -41.72 -13.77
CA GLY B 15 -3.74 -41.41 -12.82
C GLY B 15 -5.02 -41.15 -13.58
N ASN B 16 -6.01 -40.60 -12.91
CA ASN B 16 -7.26 -40.28 -13.61
C ASN B 16 -7.10 -38.93 -14.32
N THR B 17 -7.74 -38.80 -15.48
CA THR B 17 -8.06 -37.48 -16.01
C THR B 17 -9.36 -37.01 -15.31
N LEU B 18 -9.32 -35.85 -14.65
CA LEU B 18 -10.48 -35.35 -13.91
C LEU B 18 -11.10 -34.15 -14.64
N GLU B 19 -12.43 -34.13 -14.69
CA GLU B 19 -13.19 -32.97 -15.20
C GLU B 19 -13.94 -32.34 -14.01
N PHE B 20 -13.97 -31.02 -13.96
CA PHE B 20 -14.59 -30.32 -12.84
C PHE B 20 -14.81 -28.85 -13.23
N GLY B 21 -15.70 -28.22 -12.49
CA GLY B 21 -16.07 -26.85 -12.76
C GLY B 21 -15.54 -25.88 -11.71
N HIS B 22 -15.96 -24.64 -11.90
CA HIS B 22 -15.73 -23.57 -10.97
C HIS B 22 -16.47 -23.89 -9.67
N LEU B 23 -16.05 -23.25 -8.59
CA LEU B 23 -16.76 -23.34 -7.32
C LEU B 23 -17.23 -21.94 -6.93
N VAL B 24 -18.54 -21.77 -6.99
CA VAL B 24 -19.13 -20.48 -6.75
C VAL B 24 -20.23 -20.64 -5.69
N GLY B 25 -20.19 -19.77 -4.68
CA GLY B 25 -21.00 -19.97 -3.52
C GLY B 25 -21.11 -21.43 -3.14
N GLY B 26 -20.02 -22.20 -3.25
CA GLY B 26 -20.02 -23.60 -2.80
C GLY B 26 -20.71 -24.58 -3.76
N GLU B 27 -20.98 -24.23 -5.01
CA GLU B 27 -21.46 -25.22 -5.97
C GLU B 27 -20.48 -25.36 -7.12
N GLU B 28 -20.47 -26.54 -7.73
CA GLU B 28 -19.71 -26.78 -8.97
C GLU B 28 -20.49 -26.14 -10.13
N VAL B 29 -19.77 -25.53 -11.06
CA VAL B 29 -20.34 -24.75 -12.16
C VAL B 29 -19.54 -25.10 -13.43
N LEU B 30 -20.09 -25.94 -14.31
CA LEU B 30 -19.47 -26.09 -15.64
C LEU B 30 -20.01 -25.02 -16.59
N GLU B 31 -19.24 -23.94 -16.77
CA GLU B 31 -19.67 -22.77 -17.53
C GLU B 31 -18.43 -22.24 -18.28
N GLY B 32 -18.30 -22.65 -19.53
CA GLY B 32 -17.32 -22.05 -20.44
C GLY B 32 -16.58 -23.10 -21.24
N PRO B 33 -15.80 -22.68 -22.25
CA PRO B 33 -14.99 -23.57 -23.07
C PRO B 33 -14.00 -24.41 -22.24
N LEU B 34 -13.87 -25.71 -22.49
CA LEU B 34 -12.97 -26.58 -21.72
C LEU B 34 -11.52 -26.29 -22.10
N LEU B 35 -10.67 -26.16 -21.08
CA LEU B 35 -9.22 -26.16 -21.26
C LEU B 35 -8.72 -27.55 -20.83
N GLU B 36 -7.43 -27.80 -21.00
CA GLU B 36 -6.85 -29.05 -20.48
C GLU B 36 -5.45 -28.75 -19.95
N ARG B 37 -5.09 -29.44 -18.86
CA ARG B 37 -3.75 -29.37 -18.31
C ARG B 37 -3.07 -30.73 -18.55
N ARG B 38 -1.99 -30.73 -19.32
CA ARG B 38 -1.24 -31.95 -19.56
C ARG B 38 -0.11 -32.10 -18.51
N ASN B 39 0.19 -33.32 -18.13
CA ASN B 39 1.37 -33.61 -17.32
C ASN B 39 2.61 -33.02 -18.02
N PRO B 40 3.25 -31.99 -17.47
CA PRO B 40 4.38 -31.40 -18.19
C PRO B 40 5.56 -32.35 -18.34
N SER B 41 5.70 -33.30 -17.40
CA SER B 41 6.81 -34.28 -17.43
C SER B 41 6.56 -35.25 -18.61
N ASP B 42 5.29 -35.51 -18.88
CA ASP B 42 4.89 -36.43 -19.97
C ASP B 42 3.49 -36.07 -20.50
N ARG B 43 3.47 -35.37 -21.64
CA ARG B 43 2.27 -34.66 -22.09
C ARG B 43 1.25 -35.63 -22.69
N GLU B 44 1.55 -36.93 -22.74
CA GLU B 44 0.54 -37.95 -23.15
C GLU B 44 -0.47 -38.15 -22.02
N ASP B 45 0.02 -38.11 -20.78
CA ASP B 45 -0.81 -38.06 -19.58
C ASP B 45 -1.58 -36.72 -19.54
N VAL B 46 -2.90 -36.80 -19.52
CA VAL B 46 -3.76 -35.64 -19.39
C VAL B 46 -4.25 -35.63 -17.94
N VAL B 47 -4.06 -34.52 -17.25
CA VAL B 47 -4.36 -34.48 -15.83
C VAL B 47 -5.80 -34.01 -15.61
N ALA B 48 -6.25 -33.03 -16.39
CA ALA B 48 -7.57 -32.48 -16.12
C ALA B 48 -8.13 -31.72 -17.32
N ARG B 49 -9.47 -31.67 -17.32
CA ARG B 49 -10.25 -30.78 -18.17
C ARG B 49 -11.20 -29.97 -17.27
N PHE B 50 -11.36 -28.69 -17.62
CA PHE B 50 -11.95 -27.69 -16.76
C PHE B 50 -12.30 -26.43 -17.56
N PRO B 51 -13.37 -25.72 -17.17
CA PRO B 51 -13.86 -24.55 -17.94
C PRO B 51 -13.03 -23.26 -17.77
N GLU B 52 -13.12 -22.38 -18.78
CA GLU B 52 -12.66 -21.00 -18.72
C GLU B 52 -13.86 -20.13 -18.34
N ALA B 53 -13.81 -19.61 -17.13
CA ALA B 53 -14.78 -18.67 -16.63
C ALA B 53 -14.82 -17.42 -17.52
N ASP B 54 -15.96 -17.24 -18.13
CA ASP B 54 -16.35 -16.01 -18.78
C ASP B 54 -16.48 -14.94 -17.71
N LYS B 55 -16.32 -13.69 -18.13
CA LYS B 55 -16.25 -12.57 -17.24
C LYS B 55 -17.54 -12.43 -16.41
N ASP B 56 -18.70 -12.79 -16.95
CA ASP B 56 -19.92 -12.65 -16.16
C ASP B 56 -19.96 -13.65 -15.03
N LEU B 57 -19.33 -14.81 -15.17
CA LEU B 57 -19.34 -15.78 -14.07
C LEU B 57 -18.41 -15.26 -12.96
N VAL B 58 -17.31 -14.61 -13.32
CA VAL B 58 -16.46 -14.01 -12.32
C VAL B 58 -17.28 -12.97 -11.57
N ARG B 59 -18.04 -12.18 -12.31
CA ARG B 59 -18.89 -11.13 -11.72
C ARG B 59 -19.82 -11.75 -10.65
N LYS B 60 -20.35 -12.94 -10.94
CA LYS B 60 -21.25 -13.66 -10.03
C LYS B 60 -20.46 -14.16 -8.83
N ALA B 61 -19.33 -14.81 -9.05
CA ALA B 61 -18.42 -15.25 -7.96
C ALA B 61 -18.13 -14.09 -7.00
N ALA B 62 -17.77 -12.91 -7.51
CA ALA B 62 -17.52 -11.72 -6.66
C ALA B 62 -18.76 -11.40 -5.83
N LEU B 63 -19.94 -11.55 -6.43
CA LEU B 63 -21.16 -11.15 -5.72
C LEU B 63 -21.61 -12.24 -4.75
N LYS B 64 -21.27 -13.53 -4.96
CA LYS B 64 -21.48 -14.53 -3.90
C LYS B 64 -20.57 -14.20 -2.73
N ALA B 65 -19.34 -13.82 -3.05
CA ALA B 65 -18.38 -13.41 -2.02
C ALA B 65 -18.94 -12.19 -1.28
N ARG B 66 -19.51 -11.21 -1.98
CA ARG B 66 -20.11 -10.06 -1.29
C ARG B 66 -21.25 -10.55 -0.38
N GLU B 67 -22.10 -11.47 -0.82
CA GLU B 67 -23.22 -11.92 0.03
C GLU B 67 -22.64 -12.64 1.28
N ALA B 68 -21.61 -13.44 1.10
CA ALA B 68 -21.05 -14.26 2.17
C ALA B 68 -20.29 -13.41 3.20
N PHE B 69 -19.82 -12.25 2.82
CA PHE B 69 -18.92 -11.47 3.69
C PHE B 69 -19.67 -10.99 4.94
N ALA B 70 -20.96 -10.68 4.79
CA ALA B 70 -21.80 -10.23 5.90
C ALA B 70 -21.62 -11.13 7.12
N GLU B 71 -21.78 -12.45 6.94
CA GLU B 71 -21.79 -13.38 8.10
C GLU B 71 -20.36 -13.86 8.42
N TRP B 72 -19.47 -13.94 7.44
CA TRP B 72 -18.13 -14.43 7.74
C TRP B 72 -17.34 -13.37 8.54
N SER B 73 -17.38 -12.13 8.06
CA SER B 73 -16.66 -11.02 8.74
C SER B 73 -17.13 -10.88 10.19
N ARG B 74 -18.43 -11.04 10.43
CA ARG B 74 -19.01 -10.94 11.75
C ARG B 74 -18.93 -12.30 12.46
N THR B 75 -18.19 -13.28 11.91
CA THR B 75 -17.85 -14.52 12.66
C THR B 75 -16.60 -14.30 13.52
N PRO B 76 -16.70 -14.53 14.83
CA PRO B 76 -15.58 -14.40 15.76
C PRO B 76 -14.24 -14.85 15.18
N ALA B 77 -13.21 -14.03 15.29
CA ALA B 77 -11.92 -14.36 14.64
C ALA B 77 -11.36 -15.67 15.19
N PRO B 78 -11.52 -15.93 16.50
CA PRO B 78 -10.99 -17.19 17.01
C PRO B 78 -11.72 -18.40 16.42
N ILE B 79 -12.99 -18.27 16.08
CA ILE B 79 -13.72 -19.35 15.41
C ILE B 79 -13.24 -19.50 13.96
N ARG B 80 -12.83 -18.42 13.32
CA ARG B 80 -12.27 -18.51 11.97
C ARG B 80 -10.94 -19.31 12.04
N GLY B 81 -10.19 -19.08 13.10
CA GLY B 81 -9.00 -19.86 13.40
C GLY B 81 -9.29 -21.34 13.52
N GLN B 82 -10.46 -21.73 14.07
CA GLN B 82 -10.78 -23.18 14.27
C GLN B 82 -10.85 -23.82 12.88
N VAL B 83 -11.44 -23.10 11.91
CA VAL B 83 -11.45 -23.61 10.57
C VAL B 83 -10.02 -23.88 10.10
N LEU B 84 -9.14 -22.93 10.27
CA LEU B 84 -7.78 -23.13 9.83
C LEU B 84 -7.14 -24.28 10.60
N PHE B 85 -7.46 -24.43 11.87
CA PHE B 85 -6.80 -25.50 12.61
C PHE B 85 -7.22 -26.85 12.01
N ASN B 86 -8.50 -27.01 11.64
CA ASN B 86 -8.96 -28.22 10.95
C ASN B 86 -8.25 -28.40 9.62
N LEU B 87 -8.01 -27.29 8.92
CA LEU B 87 -7.34 -27.36 7.66
C LEU B 87 -5.93 -27.88 7.88
N VAL B 88 -5.26 -27.42 8.92
CA VAL B 88 -3.92 -27.95 9.20
C VAL B 88 -4.01 -29.48 9.30
N LYS B 89 -5.01 -30.00 9.99
CA LYS B 89 -5.10 -31.43 10.19
C LYS B 89 -5.42 -32.14 8.88
N ILE B 90 -6.38 -31.65 8.11
CA ILE B 90 -6.75 -32.24 6.82
C ILE B 90 -5.55 -32.20 5.86
N LEU B 91 -4.86 -31.07 5.76
CA LEU B 91 -3.65 -30.93 4.93
C LEU B 91 -2.60 -31.96 5.31
N GLU B 92 -2.45 -32.21 6.61
CA GLU B 92 -1.50 -33.19 7.12
C GLU B 92 -1.87 -34.57 6.58
N ARG B 93 -3.14 -34.92 6.70
CA ARG B 93 -3.66 -36.19 6.22
C ARG B 93 -3.40 -36.33 4.71
N GLU B 94 -3.64 -35.25 3.98
CA GLU B 94 -3.57 -35.31 2.53
C GLU B 94 -2.15 -35.05 2.02
N LYS B 95 -1.14 -34.83 2.88
CA LYS B 95 0.19 -34.37 2.40
C LYS B 95 0.78 -35.35 1.36
N PRO B 96 0.64 -36.70 1.55
CA PRO B 96 1.22 -37.59 0.50
C PRO B 96 0.48 -37.51 -0.86
N THR B 97 -0.85 -37.42 -0.86
CA THR B 97 -1.63 -37.31 -2.10
C THR B 97 -1.37 -35.98 -2.83
N LEU B 98 -1.38 -34.86 -2.11
CA LEU B 98 -1.06 -33.55 -2.70
C LEU B 98 0.38 -33.57 -3.26
N THR B 99 1.30 -34.27 -2.58
CA THR B 99 2.67 -34.36 -3.09
C THR B 99 2.66 -35.09 -4.44
N ARG B 100 1.99 -36.24 -4.50
CA ARG B 100 1.90 -37.00 -5.75
C ARG B 100 1.30 -36.10 -6.83
N LEU B 101 0.16 -35.48 -6.54
CA LEU B 101 -0.56 -34.77 -7.56
C LEU B 101 0.24 -33.58 -8.07
N MET B 102 1.00 -32.94 -7.19
CA MET B 102 1.79 -31.79 -7.56
C MET B 102 2.98 -32.19 -8.44
N VAL B 103 3.53 -33.38 -8.29
CA VAL B 103 4.59 -33.84 -9.21
C VAL B 103 3.97 -34.11 -10.61
N ARG B 104 2.72 -34.57 -10.60
CA ARG B 104 2.01 -34.91 -11.83
C ARG B 104 1.63 -33.62 -12.57
N GLU B 105 1.08 -32.64 -11.85
CA GLU B 105 0.44 -31.50 -12.47
C GLU B 105 1.44 -30.37 -12.79
N VAL B 106 2.53 -30.20 -12.03
CA VAL B 106 3.48 -29.11 -12.36
C VAL B 106 4.92 -29.61 -12.50
N GLY B 107 5.19 -30.88 -12.22
CA GLY B 107 6.52 -31.44 -12.51
C GLY B 107 7.58 -31.06 -11.49
N LYS B 108 7.17 -30.66 -10.28
CA LYS B 108 8.11 -30.44 -9.18
C LYS B 108 8.64 -31.80 -8.73
N THR B 109 9.88 -31.85 -8.22
CA THR B 109 10.37 -33.12 -7.61
C THR B 109 9.57 -33.40 -6.34
N PRO B 110 9.41 -34.68 -5.99
CA PRO B 110 8.67 -35.03 -4.77
C PRO B 110 9.22 -34.35 -3.51
N LYS B 111 10.53 -34.18 -3.36
CA LYS B 111 11.03 -33.46 -2.13
C LYS B 111 10.49 -32.03 -2.15
N GLU B 112 10.71 -31.30 -3.23
CA GLU B 112 10.25 -29.91 -3.36
C GLU B 112 8.74 -29.79 -3.17
N ALA B 113 7.98 -30.81 -3.57
CA ALA B 113 6.50 -30.75 -3.58
C ALA B 113 5.92 -31.06 -2.18
N ALA B 114 6.58 -31.93 -1.45
CA ALA B 114 6.22 -32.12 -0.07
C ALA B 114 6.46 -30.81 0.68
N GLY B 115 7.57 -30.14 0.33
CA GLY B 115 7.92 -28.85 0.93
C GLY B 115 6.87 -27.78 0.67
N ASP B 116 6.39 -27.73 -0.57
CA ASP B 116 5.34 -26.81 -0.94
C ASP B 116 4.13 -27.02 -0.01
N VAL B 117 3.64 -28.25 0.05
CA VAL B 117 2.49 -28.59 0.90
C VAL B 117 2.76 -28.17 2.35
N GLN B 118 3.96 -28.44 2.84
CA GLN B 118 4.36 -28.11 4.20
C GLN B 118 4.17 -26.62 4.46
N GLU B 119 4.50 -25.74 3.53
CA GLU B 119 4.44 -24.31 3.81
C GLU B 119 3.00 -23.83 3.98
N ALA B 120 2.08 -24.54 3.33
CA ALA B 120 0.67 -24.27 3.52
C ALA B 120 0.24 -24.70 4.93
N ILE B 121 0.67 -25.89 5.33
CA ILE B 121 0.47 -26.42 6.68
C ILE B 121 1.00 -25.40 7.71
N ASP B 122 2.21 -24.89 7.50
CA ASP B 122 2.83 -23.96 8.45
C ASP B 122 2.07 -22.65 8.46
N THR B 123 1.78 -22.15 7.26
CA THR B 123 0.95 -20.97 7.13
C THR B 123 -0.37 -21.16 7.86
N ALA B 124 -1.07 -22.27 7.64
CA ALA B 124 -2.39 -22.46 8.27
C ALA B 124 -2.28 -22.49 9.81
N LEU B 125 -1.20 -23.08 10.35
CA LEU B 125 -1.03 -23.18 11.79
C LEU B 125 -0.79 -21.77 12.34
N PHE B 126 0.06 -21.04 11.63
CA PHE B 126 0.43 -19.68 12.02
C PHE B 126 -0.85 -18.84 12.24
N PHE B 127 -1.79 -18.95 11.30
CA PHE B 127 -2.93 -18.06 11.25
C PHE B 127 -4.10 -18.61 12.07
N ALA B 128 -4.16 -19.94 12.25
CA ALA B 128 -5.15 -20.55 13.19
C ALA B 128 -5.07 -19.80 14.52
N SER B 129 -3.83 -19.54 14.95
CA SER B 129 -3.49 -18.92 16.22
C SER B 129 -3.69 -17.39 16.18
N GLU B 130 -3.52 -16.76 15.02
CA GLU B 130 -3.71 -15.32 14.90
C GLU B 130 -5.21 -14.99 15.06
N GLY B 131 -6.06 -15.99 15.05
CA GLY B 131 -7.48 -15.76 15.40
C GLY B 131 -7.67 -15.15 16.78
N ARG B 132 -6.70 -15.36 17.67
CA ARG B 132 -6.79 -14.90 19.06
C ARG B 132 -5.75 -13.79 19.30
N ARG B 133 -5.19 -13.28 18.20
CA ARG B 133 -4.29 -12.16 18.24
C ARG B 133 -4.93 -11.01 17.44
N LEU B 134 -4.48 -10.72 16.22
CA LEU B 134 -4.93 -9.57 15.40
C LEU B 134 -4.89 -8.28 16.25
N TYR B 135 -3.90 -8.15 17.13
CA TYR B 135 -3.95 -7.12 18.17
C TYR B 135 -4.10 -5.74 17.48
N GLY B 136 -4.93 -4.87 18.04
CA GLY B 136 -4.92 -3.42 17.74
C GLY B 136 -4.39 -2.64 18.94
N GLN B 137 -4.81 -1.40 19.16
CA GLN B 137 -4.19 -0.62 20.23
C GLN B 137 -5.25 0.09 21.08
N THR B 138 -4.96 0.18 22.36
CA THR B 138 -5.55 1.18 23.22
C THR B 138 -4.52 2.30 23.37
N VAL B 139 -4.98 3.53 23.30
CA VAL B 139 -4.07 4.70 23.26
C VAL B 139 -4.61 5.75 24.22
N PRO B 140 -3.71 6.43 24.95
CA PRO B 140 -4.11 7.52 25.86
C PRO B 140 -4.52 8.80 25.14
N SER B 141 -5.65 9.35 25.52
CA SER B 141 -6.06 10.65 25.03
C SER B 141 -5.27 11.75 25.74
N GLU B 142 -5.15 12.89 25.08
CA GLU B 142 -4.57 14.06 25.70
C GLU B 142 -5.64 14.73 26.56
N MET B 143 -6.90 14.32 26.41
CA MET B 143 -8.00 14.94 27.14
C MET B 143 -8.39 14.03 28.29
N ARG B 144 -8.83 14.63 29.39
CA ARG B 144 -9.38 13.88 30.51
C ARG B 144 -10.72 13.26 30.06
N ASP B 145 -11.15 12.23 30.76
CA ASP B 145 -12.43 11.55 30.50
C ASP B 145 -12.69 11.14 29.03
N LYS B 146 -11.67 10.60 28.39
CA LYS B 146 -11.74 10.25 26.97
C LYS B 146 -10.79 9.09 26.62
N GLU B 147 -11.28 8.06 25.95
CA GLU B 147 -10.43 6.91 25.58
C GLU B 147 -10.31 6.79 24.05
N LEU B 148 -9.17 6.28 23.57
CA LEU B 148 -8.84 6.07 22.13
C LEU B 148 -8.57 4.58 21.86
N PHE B 149 -8.95 4.07 20.69
CA PHE B 149 -8.71 2.65 20.30
C PHE B 149 -8.35 2.53 18.81
N THR B 150 -7.70 1.46 18.43
CA THR B 150 -7.64 1.05 17.03
C THR B 150 -8.07 -0.41 16.89
N PHE B 151 -8.53 -0.72 15.68
CA PHE B 151 -9.13 -2.02 15.37
C PHE B 151 -8.77 -2.41 13.94
N ARG B 152 -8.28 -3.62 13.75
CA ARG B 152 -8.02 -4.13 12.39
C ARG B 152 -9.34 -4.60 11.78
N ARG B 153 -9.69 -4.16 10.57
CA ARG B 153 -11.00 -4.49 10.00
C ARG B 153 -10.81 -5.13 8.63
N PRO B 154 -11.68 -6.08 8.27
CA PRO B 154 -11.61 -6.72 6.98
C PRO B 154 -11.91 -5.69 5.88
N LEU B 155 -11.23 -5.83 4.74
CA LEU B 155 -11.41 -4.96 3.59
C LEU B 155 -12.67 -5.32 2.81
N GLY B 156 -12.93 -6.60 2.59
CA GLY B 156 -14.13 -6.99 1.86
C GLY B 156 -13.87 -8.20 0.99
N VAL B 157 -14.14 -8.08 -0.30
CA VAL B 157 -13.89 -9.18 -1.21
C VAL B 157 -12.49 -9.01 -1.82
N VAL B 158 -11.70 -10.06 -1.71
CA VAL B 158 -10.35 -10.07 -2.25
C VAL B 158 -10.32 -10.90 -3.53
N GLY B 159 -9.73 -10.33 -4.56
CA GLY B 159 -9.43 -11.09 -5.77
C GLY B 159 -7.99 -11.55 -5.75
N ILE B 160 -7.75 -12.81 -6.11
CA ILE B 160 -6.42 -13.39 -5.97
C ILE B 160 -6.02 -14.10 -7.27
N ILE B 161 -4.87 -13.76 -7.83
CA ILE B 161 -4.35 -14.50 -8.97
C ILE B 161 -2.98 -15.08 -8.62
N THR B 162 -2.80 -16.36 -8.90
CA THR B 162 -1.57 -17.05 -8.51
C THR B 162 -0.94 -17.80 -9.69
N ALA B 163 0.39 -17.88 -9.63
CA ALA B 163 1.19 -18.66 -10.56
C ALA B 163 1.05 -20.15 -10.25
N GLY B 164 1.72 -21.00 -11.02
CA GLY B 164 1.54 -22.45 -10.88
C GLY B 164 2.80 -23.16 -10.40
N ASN B 165 3.88 -22.40 -10.25
CA ASN B 165 5.16 -23.01 -9.92
C ASN B 165 5.21 -23.38 -8.43
N PHE B 166 4.47 -22.64 -7.57
CA PHE B 166 4.22 -23.02 -6.15
C PHE B 166 2.71 -23.14 -5.90
N PRO B 167 2.10 -24.18 -6.42
CA PRO B 167 0.67 -24.17 -6.55
C PRO B 167 -0.13 -24.37 -5.26
N ILE B 168 0.47 -24.79 -4.15
CA ILE B 168 -0.27 -24.87 -2.86
C ILE B 168 0.27 -23.83 -1.86
N ALA B 169 1.57 -23.64 -1.83
CA ALA B 169 2.21 -22.80 -0.82
C ALA B 169 1.77 -21.34 -0.98
N VAL B 170 2.01 -20.83 -2.17
CA VAL B 170 1.96 -19.41 -2.46
C VAL B 170 0.51 -18.93 -2.47
N PRO B 171 -0.41 -19.75 -2.99
CA PRO B 171 -1.83 -19.48 -2.77
C PRO B 171 -2.23 -19.37 -1.29
N SER B 172 -1.74 -20.27 -0.46
CA SER B 172 -2.04 -20.26 0.96
C SER B 172 -1.54 -18.97 1.65
N TRP B 173 -0.43 -18.37 1.19
CA TRP B 173 0.05 -17.09 1.75
C TRP B 173 -1.00 -15.98 1.61
N LYS B 174 -1.84 -16.11 0.59
CA LYS B 174 -2.85 -15.13 0.22
C LYS B 174 -4.23 -15.51 0.76
N LEU B 175 -4.64 -16.76 0.50
CA LEU B 175 -5.98 -17.31 0.82
C LEU B 175 -6.23 -17.28 2.34
N ILE B 176 -5.26 -17.77 3.11
CA ILE B 176 -5.44 -18.02 4.53
C ILE B 176 -5.51 -16.70 5.31
N PRO B 177 -4.49 -15.82 5.23
CA PRO B 177 -4.64 -14.55 5.95
C PRO B 177 -5.84 -13.71 5.50
N ALA B 178 -6.27 -13.90 4.27
CA ALA B 178 -7.42 -13.19 3.76
C ALA B 178 -8.68 -13.63 4.51
N VAL B 179 -8.95 -14.94 4.53
CA VAL B 179 -10.18 -15.42 5.20
C VAL B 179 -10.04 -15.28 6.72
N LEU B 180 -8.83 -15.33 7.27
CA LEU B 180 -8.69 -15.28 8.74
C LEU B 180 -9.08 -13.88 9.27
N THR B 181 -8.64 -12.85 8.55
CA THR B 181 -8.97 -11.48 8.93
C THR B 181 -10.39 -11.11 8.49
N GLY B 182 -11.15 -12.07 7.95
CA GLY B 182 -12.60 -11.90 7.81
C GLY B 182 -13.02 -11.45 6.43
N ASN B 183 -12.07 -11.49 5.48
CA ASN B 183 -12.38 -11.18 4.12
C ASN B 183 -12.98 -12.40 3.42
N THR B 184 -13.58 -12.16 2.26
CA THR B 184 -14.09 -13.22 1.38
C THR B 184 -13.27 -13.16 0.09
N VAL B 185 -13.29 -14.25 -0.68
CA VAL B 185 -12.24 -14.40 -1.71
C VAL B 185 -12.84 -14.86 -3.05
N VAL B 186 -12.30 -14.29 -4.13
CA VAL B 186 -12.40 -14.89 -5.45
C VAL B 186 -10.99 -15.28 -5.89
N TRP B 187 -10.80 -16.55 -6.23
CA TRP B 187 -9.49 -17.04 -6.57
C TRP B 187 -9.47 -17.58 -8.02
N LYS B 188 -8.50 -17.08 -8.78
CA LYS B 188 -8.25 -17.52 -10.13
C LYS B 188 -6.88 -18.21 -10.13
N PRO B 189 -6.87 -19.53 -10.12
CA PRO B 189 -5.58 -20.18 -10.09
C PRO B 189 -5.03 -20.48 -11.50
N SER B 190 -3.71 -20.56 -11.51
CA SER B 190 -2.95 -20.87 -12.70
C SER B 190 -3.55 -22.08 -13.43
N GLU B 191 -3.72 -21.95 -14.75
CA GLU B 191 -4.18 -23.02 -15.60
C GLU B 191 -3.12 -24.13 -15.65
N ASP B 192 -1.96 -23.88 -15.04
CA ASP B 192 -0.91 -24.89 -14.86
C ASP B 192 -1.18 -25.83 -13.68
N ALA B 193 -2.07 -25.45 -12.76
CA ALA B 193 -2.30 -26.27 -11.56
C ALA B 193 -3.77 -26.19 -11.10
N PRO B 194 -4.70 -26.53 -11.98
CA PRO B 194 -6.10 -26.39 -11.59
C PRO B 194 -6.62 -27.50 -10.67
N THR B 195 -6.14 -28.73 -10.83
CA THR B 195 -6.61 -29.85 -9.97
C THR B 195 -6.22 -29.59 -8.51
N LEU B 196 -4.99 -29.15 -8.23
CA LEU B 196 -4.56 -28.88 -6.85
C LEU B 196 -5.42 -27.81 -6.20
N SER B 197 -5.84 -26.83 -7.01
CA SER B 197 -6.60 -25.68 -6.52
C SER B 197 -8.02 -26.12 -6.17
N PHE B 198 -8.59 -26.95 -7.04
CA PHE B 198 -9.91 -27.52 -6.82
C PHE B 198 -9.89 -28.30 -5.50
N VAL B 199 -8.93 -29.21 -5.38
CA VAL B 199 -8.69 -29.97 -4.14
C VAL B 199 -8.61 -29.02 -2.94
N PHE B 200 -7.71 -28.04 -3.01
CA PHE B 200 -7.37 -27.25 -1.86
C PHE B 200 -8.62 -26.47 -1.43
N ALA B 201 -9.45 -26.11 -2.39
CA ALA B 201 -10.70 -25.43 -2.12
C ALA B 201 -11.68 -26.37 -1.42
N LYS B 202 -11.66 -27.65 -1.82
CA LYS B 202 -12.48 -28.68 -1.19
C LYS B 202 -11.97 -29.01 0.22
N LEU B 203 -10.66 -29.05 0.45
CA LEU B 203 -10.10 -29.28 1.80
C LEU B 203 -10.59 -28.19 2.76
N PHE B 204 -10.53 -26.95 2.29
CA PHE B 204 -11.08 -25.78 2.99
C PHE B 204 -12.57 -25.97 3.35
N GLU B 205 -13.32 -26.54 2.41
CA GLU B 205 -14.74 -26.75 2.60
C GLU B 205 -14.91 -27.75 3.75
N GLU B 206 -14.13 -28.84 3.69
CA GLU B 206 -14.20 -29.92 4.68
C GLU B 206 -13.76 -29.41 6.05
N ALA B 207 -12.88 -28.41 6.05
CA ALA B 207 -12.35 -27.87 7.27
C ALA B 207 -13.41 -26.99 7.95
N GLY B 208 -14.46 -26.62 7.23
CA GLY B 208 -15.57 -25.83 7.80
C GLY B 208 -15.70 -24.43 7.22
N LEU B 209 -15.03 -24.10 6.12
CA LEU B 209 -15.21 -22.77 5.55
C LEU B 209 -16.62 -22.68 4.96
N PRO B 210 -17.42 -21.70 5.41
CA PRO B 210 -18.76 -21.57 4.85
C PRO B 210 -18.72 -21.32 3.33
N PRO B 211 -19.72 -21.81 2.60
CA PRO B 211 -19.78 -21.61 1.16
C PRO B 211 -19.86 -20.13 0.77
N GLY B 212 -19.08 -19.74 -0.25
CA GLY B 212 -19.12 -18.36 -0.75
C GLY B 212 -18.02 -17.51 -0.17
N VAL B 213 -17.45 -17.98 0.95
CA VAL B 213 -16.35 -17.31 1.55
C VAL B 213 -15.14 -17.50 0.63
N LEU B 214 -14.98 -18.74 0.12
CA LEU B 214 -13.99 -19.00 -0.95
C LEU B 214 -14.74 -19.38 -2.22
N ASN B 215 -14.49 -18.65 -3.32
CA ASN B 215 -14.95 -19.02 -4.66
C ASN B 215 -13.73 -19.13 -5.59
N VAL B 216 -13.77 -20.13 -6.46
CA VAL B 216 -12.68 -20.44 -7.36
C VAL B 216 -13.22 -20.40 -8.80
N VAL B 217 -12.52 -19.65 -9.64
CA VAL B 217 -12.86 -19.57 -11.06
C VAL B 217 -11.59 -19.85 -11.87
N PHE B 218 -11.67 -20.88 -12.71
CA PHE B 218 -10.52 -21.36 -13.48
C PHE B 218 -10.44 -20.65 -14.84
N GLY B 219 -9.24 -20.66 -15.38
CA GLY B 219 -9.06 -20.08 -16.68
C GLY B 219 -7.64 -19.58 -16.82
N GLY B 220 -7.45 -18.79 -17.87
CA GLY B 220 -6.14 -18.30 -18.28
C GLY B 220 -5.89 -16.89 -17.79
N GLY B 221 -4.88 -16.24 -18.35
CA GLY B 221 -4.49 -14.90 -17.92
C GLY B 221 -4.94 -13.84 -18.90
N LYS B 222 -4.04 -13.45 -19.79
CA LYS B 222 -4.33 -12.41 -20.80
C LYS B 222 -5.43 -12.95 -21.73
N GLY B 223 -6.41 -12.10 -22.03
CA GLY B 223 -7.56 -12.46 -22.87
C GLY B 223 -8.41 -13.58 -22.28
N SER B 224 -8.18 -13.89 -21.02
CA SER B 224 -8.95 -14.90 -20.36
C SER B 224 -9.36 -14.38 -18.98
N THR B 225 -9.79 -15.32 -18.13
CA THR B 225 -10.36 -15.08 -16.83
C THR B 225 -9.53 -14.10 -15.99
N GLY B 226 -8.23 -14.31 -15.95
CA GLY B 226 -7.34 -13.44 -15.16
C GLY B 226 -7.47 -11.97 -15.52
N GLN B 227 -7.62 -11.70 -16.79
CA GLN B 227 -7.78 -10.38 -17.23
C GLN B 227 -9.17 -9.88 -16.83
N TRP B 228 -10.21 -10.69 -17.08
CA TRP B 228 -11.59 -10.29 -16.74
C TRP B 228 -11.61 -9.92 -15.24
N MET B 229 -10.89 -10.72 -14.49
CA MET B 229 -10.83 -10.62 -13.05
C MET B 229 -10.21 -9.27 -12.61
N VAL B 230 -9.11 -8.85 -13.21
CA VAL B 230 -8.54 -7.52 -12.96
C VAL B 230 -9.54 -6.42 -13.37
N GLU B 231 -10.13 -6.55 -14.57
CA GLU B 231 -11.04 -5.54 -15.10
C GLU B 231 -12.19 -5.30 -14.12
N LEU B 232 -12.53 -6.28 -13.30
CA LEU B 232 -13.69 -6.11 -12.42
C LEU B 232 -13.36 -5.18 -11.24
N MET B 233 -12.10 -4.82 -11.03
CA MET B 233 -11.78 -3.85 -9.97
C MET B 233 -12.42 -2.50 -10.32
N ASP B 234 -12.54 -2.25 -11.61
CA ASP B 234 -13.21 -1.06 -12.11
C ASP B 234 -14.71 -1.05 -11.88
N GLU B 235 -15.34 -2.20 -11.63
CA GLU B 235 -16.75 -2.22 -11.24
C GLU B 235 -16.86 -2.30 -9.70
N GLY B 236 -15.74 -2.17 -8.99
CA GLY B 236 -15.69 -2.15 -7.53
C GLY B 236 -16.11 -3.45 -6.87
N LEU B 237 -15.94 -4.57 -7.54
CA LEU B 237 -16.28 -5.89 -6.98
C LEU B 237 -15.15 -6.39 -6.07
N PHE B 238 -13.99 -5.76 -6.15
CA PHE B 238 -12.92 -6.11 -5.28
C PHE B 238 -12.50 -4.87 -4.51
N GLN B 239 -12.33 -5.12 -3.20
CA GLN B 239 -11.82 -4.19 -2.22
C GLN B 239 -10.35 -4.52 -1.95
N LYS B 240 -9.79 -5.52 -2.61
CA LYS B 240 -8.36 -5.83 -2.46
C LYS B 240 -7.96 -6.82 -3.55
N PHE B 241 -6.69 -6.80 -3.94
CA PHE B 241 -6.23 -7.71 -4.98
C PHE B 241 -4.79 -8.15 -4.70
N ALA B 242 -4.52 -9.44 -4.84
CA ALA B 242 -3.18 -10.02 -4.70
C ALA B 242 -2.78 -10.78 -5.96
N PHE B 243 -1.54 -10.62 -6.39
CA PHE B 243 -1.07 -11.21 -7.63
C PHE B 243 0.38 -11.69 -7.51
N THR B 244 0.65 -12.87 -8.04
CA THR B 244 2.00 -13.36 -8.24
C THR B 244 2.21 -13.56 -9.73
N GLY B 245 3.27 -12.98 -10.28
CA GLY B 245 3.48 -13.09 -11.70
C GLY B 245 4.56 -12.15 -12.22
N SER B 246 4.45 -11.79 -13.49
CA SER B 246 5.50 -11.06 -14.19
C SER B 246 5.39 -9.58 -13.82
N THR B 247 6.49 -8.87 -13.89
CA THR B 247 6.43 -7.45 -13.65
C THR B 247 5.55 -6.77 -14.71
N GLN B 248 5.59 -7.24 -15.96
CA GLN B 248 4.78 -6.62 -17.04
C GLN B 248 3.31 -6.57 -16.56
N VAL B 249 2.79 -7.74 -16.25
CA VAL B 249 1.41 -7.86 -15.78
C VAL B 249 1.22 -7.07 -14.46
N GLY B 250 2.18 -7.16 -13.55
CA GLY B 250 2.05 -6.49 -12.27
C GLY B 250 1.80 -4.99 -12.42
N ARG B 251 2.57 -4.36 -13.32
CA ARG B 251 2.45 -2.92 -13.57
C ARG B 251 1.02 -2.58 -13.99
N TRP B 252 0.42 -3.44 -14.81
CA TRP B 252 -0.93 -3.17 -15.29
C TRP B 252 -1.92 -3.27 -14.13
N ILE B 253 -1.80 -4.37 -13.38
CA ILE B 253 -2.67 -4.63 -12.24
C ILE B 253 -2.51 -3.49 -11.23
N GLY B 254 -1.27 -3.09 -11.05
CA GLY B 254 -0.97 -1.94 -10.20
C GLY B 254 -1.75 -0.70 -10.62
N GLU B 255 -1.82 -0.45 -11.90
CA GLU B 255 -2.46 0.74 -12.39
C GLU B 255 -3.98 0.65 -12.13
N VAL B 256 -4.56 -0.51 -12.39
CA VAL B 256 -6.01 -0.69 -12.27
C VAL B 256 -6.40 -0.54 -10.79
N ALA B 257 -5.64 -1.20 -9.92
CA ALA B 257 -5.89 -1.10 -8.51
C ALA B 257 -5.68 0.35 -8.06
N GLY B 258 -4.66 0.98 -8.64
CA GLY B 258 -4.35 2.37 -8.40
C GLY B 258 -5.59 3.25 -8.51
N ARG B 259 -6.24 3.24 -9.67
CA ARG B 259 -7.32 4.21 -9.93
C ARG B 259 -8.58 3.86 -9.12
N ASN B 260 -8.63 2.63 -8.62
CA ASN B 260 -9.72 2.14 -7.79
C ASN B 260 -9.33 2.22 -6.30
N LEU B 261 -8.29 2.96 -5.94
CA LEU B 261 -7.85 3.15 -4.52
C LEU B 261 -7.68 1.81 -3.78
N ILE B 262 -7.03 0.84 -4.40
CA ILE B 262 -6.65 -0.40 -3.76
C ILE B 262 -5.12 -0.45 -3.67
N ARG B 263 -4.54 -0.77 -2.52
CA ARG B 263 -3.17 -1.29 -2.47
C ARG B 263 -3.20 -2.78 -2.84
N PRO B 264 -2.64 -3.14 -3.97
CA PRO B 264 -2.55 -4.55 -4.27
C PRO B 264 -1.21 -5.16 -3.79
N THR B 265 -1.21 -6.48 -3.62
CA THR B 265 -0.03 -7.26 -3.18
C THR B 265 0.64 -7.84 -4.42
N LEU B 266 1.93 -7.61 -4.64
CA LEU B 266 2.50 -7.92 -5.93
C LEU B 266 3.87 -8.57 -5.76
N GLU B 267 3.95 -9.91 -5.86
CA GLU B 267 5.25 -10.65 -5.98
C GLU B 267 5.57 -10.73 -7.46
N LEU B 268 6.63 -10.08 -7.91
CA LEU B 268 6.83 -9.92 -9.34
C LEU B 268 8.21 -10.45 -9.76
N GLY B 269 8.73 -11.49 -9.10
CA GLY B 269 9.98 -12.11 -9.59
C GLY B 269 11.17 -11.17 -9.58
N GLY B 270 12.32 -11.69 -10.00
CA GLY B 270 13.55 -10.93 -9.91
C GLY B 270 14.75 -11.58 -10.58
N LYS B 271 15.85 -10.85 -10.45
CA LYS B 271 17.14 -11.20 -10.95
C LYS B 271 18.07 -11.18 -9.74
N ASN B 272 18.19 -12.33 -9.12
CA ASN B 272 18.60 -12.41 -7.74
C ASN B 272 20.12 -12.60 -7.68
N PRO B 273 20.85 -11.54 -7.24
CA PRO B 273 22.32 -11.57 -7.17
C PRO B 273 22.81 -12.43 -6.00
N LEU B 274 23.80 -13.26 -6.28
CA LEU B 274 24.44 -14.11 -5.27
C LEU B 274 25.94 -13.84 -5.35
N VAL B 275 26.51 -13.33 -4.26
CA VAL B 275 27.90 -12.84 -4.28
C VAL B 275 28.79 -13.84 -3.55
N VAL B 276 29.94 -14.14 -4.14
CA VAL B 276 30.92 -15.04 -3.52
C VAL B 276 32.23 -14.25 -3.37
N MET B 277 32.52 -13.86 -2.13
CA MET B 277 33.71 -13.09 -1.79
C MET B 277 34.91 -14.04 -1.72
N ARG B 278 36.12 -13.49 -1.88
CA ARG B 278 37.39 -14.25 -1.89
C ARG B 278 37.50 -15.14 -0.64
N ASP B 279 37.11 -14.62 0.52
CA ASP B 279 37.21 -15.36 1.78
C ASP B 279 36.08 -16.36 2.03
N ALA B 280 35.35 -16.75 1.00
CA ALA B 280 34.23 -17.63 1.22
C ALA B 280 34.73 -19.08 1.31
N ASP B 281 33.87 -19.90 1.83
CA ASP B 281 33.98 -21.34 1.75
C ASP B 281 33.46 -21.82 0.36
N LEU B 282 34.36 -22.11 -0.59
CA LEU B 282 33.98 -22.42 -1.99
C LEU B 282 32.95 -23.55 -2.10
N ASP B 283 33.20 -24.70 -1.49
CA ASP B 283 32.26 -25.83 -1.60
C ASP B 283 30.84 -25.44 -1.15
N LEU B 284 30.74 -24.66 -0.08
CA LEU B 284 29.45 -24.26 0.44
C LEU B 284 28.79 -23.24 -0.50
N ALA B 285 29.59 -22.32 -1.04
CA ALA B 285 29.07 -21.26 -1.93
C ALA B 285 28.68 -21.86 -3.28
N VAL B 286 29.38 -22.90 -3.71
CA VAL B 286 29.02 -23.61 -4.92
C VAL B 286 27.69 -24.37 -4.69
N GLU B 287 27.53 -25.04 -3.56
CA GLU B 287 26.28 -25.74 -3.27
C GLU B 287 25.10 -24.75 -3.28
N GLY B 288 25.36 -23.49 -2.92
CA GLY B 288 24.31 -22.49 -2.77
C GLY B 288 23.96 -21.81 -4.07
N ALA B 289 24.97 -21.53 -4.88
CA ALA B 289 24.76 -21.06 -6.26
C ALA B 289 24.04 -22.16 -7.05
N TRP B 290 24.53 -23.39 -6.92
CA TRP B 290 23.96 -24.53 -7.62
C TRP B 290 22.47 -24.69 -7.28
N TRP B 291 22.16 -24.75 -5.99
CA TRP B 291 20.76 -24.93 -5.57
C TRP B 291 19.92 -23.69 -5.90
N SER B 292 20.48 -22.48 -5.77
CA SER B 292 19.77 -21.23 -6.16
C SER B 292 19.37 -21.24 -7.66
N ALA B 293 20.30 -21.70 -8.50
CA ALA B 293 20.09 -21.76 -9.94
C ALA B 293 19.06 -22.84 -10.32
N PHE B 294 19.25 -24.08 -9.87
CA PHE B 294 18.56 -25.20 -10.51
C PHE B 294 17.40 -25.71 -9.66
N ALA B 295 17.16 -25.17 -8.47
CA ALA B 295 15.97 -25.59 -7.74
C ALA B 295 14.73 -25.13 -8.52
N THR B 296 13.82 -26.10 -8.69
CA THR B 296 12.58 -26.02 -9.49
C THR B 296 12.95 -25.72 -10.95
N GLY B 297 14.12 -26.14 -11.38
CA GLY B 297 14.57 -25.88 -12.74
C GLY B 297 14.70 -24.39 -13.05
N GLY B 298 14.97 -23.59 -12.02
CA GLY B 298 15.18 -22.14 -12.18
C GLY B 298 13.88 -21.37 -12.39
N GLN B 299 12.76 -21.99 -11.98
CA GLN B 299 11.40 -21.45 -12.20
C GLN B 299 10.86 -20.91 -10.86
N ARG B 300 11.69 -20.19 -10.13
CA ARG B 300 11.24 -19.53 -8.93
C ARG B 300 11.46 -18.01 -9.07
N CYS B 301 10.48 -17.23 -8.56
CA CYS B 301 10.69 -15.78 -8.34
C CYS B 301 12.15 -15.53 -7.87
N THR B 302 12.65 -16.39 -7.00
CA THR B 302 13.85 -16.11 -6.21
C THR B 302 15.08 -16.88 -6.73
N SER B 303 14.95 -17.56 -7.86
CA SER B 303 16.07 -18.31 -8.39
C SER B 303 17.17 -17.31 -8.75
N ALA B 304 18.42 -17.73 -8.62
CA ALA B 304 19.57 -16.82 -8.77
C ALA B 304 19.72 -16.45 -10.25
N GLY B 305 19.96 -15.18 -10.54
CA GLY B 305 20.17 -14.73 -11.92
C GLY B 305 21.64 -14.54 -12.28
N ASN B 306 22.41 -14.06 -11.32
CA ASN B 306 23.82 -13.78 -11.51
C ASN B 306 24.59 -14.17 -10.24
N ILE B 307 25.64 -14.99 -10.43
CA ILE B 307 26.67 -15.24 -9.43
C ILE B 307 27.76 -14.18 -9.61
N LEU B 308 28.01 -13.34 -8.62
CA LEU B 308 29.11 -12.35 -8.74
C LEU B 308 30.35 -12.87 -7.98
N VAL B 309 31.38 -13.29 -8.71
CA VAL B 309 32.48 -14.00 -8.06
C VAL B 309 33.65 -13.03 -7.91
N ASP B 310 34.24 -13.00 -6.72
CA ASP B 310 35.34 -12.07 -6.40
C ASP B 310 36.57 -12.49 -7.18
N ALA B 311 37.20 -11.52 -7.84
CA ALA B 311 38.23 -11.77 -8.87
C ALA B 311 39.27 -12.78 -8.37
N PRO B 312 39.87 -12.55 -7.18
CA PRO B 312 40.81 -13.54 -6.65
C PRO B 312 40.37 -15.01 -6.72
N ILE B 313 39.10 -15.36 -6.54
CA ILE B 313 38.72 -16.80 -6.55
C ILE B 313 37.97 -17.16 -7.84
N TYR B 314 37.95 -16.27 -8.84
CA TYR B 314 37.02 -16.41 -9.97
C TYR B 314 37.19 -17.77 -10.65
N GLU B 315 38.44 -18.04 -11.05
CA GLU B 315 38.78 -19.20 -11.85
C GLU B 315 38.52 -20.48 -11.06
N GLU B 316 38.97 -20.49 -9.82
CA GLU B 316 38.81 -21.65 -8.97
C GLU B 316 37.30 -21.92 -8.79
N PHE B 317 36.52 -20.87 -8.51
CA PHE B 317 35.07 -21.05 -8.28
C PHE B 317 34.42 -21.61 -9.55
N LYS B 318 34.71 -20.97 -10.68
CA LYS B 318 34.07 -21.30 -11.95
C LYS B 318 34.29 -22.77 -12.29
N ARG B 319 35.52 -23.26 -12.09
CA ARG B 319 35.85 -24.65 -12.42
C ARG B 319 35.01 -25.60 -11.55
N ARG B 320 34.92 -25.31 -10.25
CA ARG B 320 34.20 -26.17 -9.31
C ARG B 320 32.69 -26.09 -9.56
N PHE B 321 32.20 -24.90 -9.91
CA PHE B 321 30.76 -24.69 -10.14
C PHE B 321 30.31 -25.55 -11.34
N LEU B 322 31.06 -25.46 -12.45
CA LEU B 322 30.74 -26.23 -13.65
C LEU B 322 30.84 -27.74 -13.37
N GLU B 323 31.83 -28.15 -12.59
CA GLU B 323 31.91 -29.54 -12.19
C GLU B 323 30.58 -29.92 -11.52
N ARG B 324 30.10 -29.06 -10.64
CA ARG B 324 28.88 -29.35 -9.87
C ARG B 324 27.65 -29.33 -10.80
N VAL B 325 27.63 -28.41 -11.78
CA VAL B 325 26.51 -28.30 -12.68
C VAL B 325 26.43 -29.54 -13.57
N GLU B 326 27.59 -29.98 -14.10
CA GLU B 326 27.75 -31.25 -14.86
C GLU B 326 26.98 -32.39 -14.16
N ALA B 327 27.05 -32.41 -12.83
CA ALA B 327 26.46 -33.47 -12.05
C ALA B 327 24.93 -33.35 -11.95
N THR B 328 24.31 -32.18 -12.26
CA THR B 328 22.84 -32.05 -12.14
C THR B 328 22.15 -33.23 -12.87
N LEU B 329 21.24 -33.90 -12.18
CA LEU B 329 20.34 -34.86 -12.83
C LEU B 329 19.09 -34.11 -13.32
N VAL B 330 18.51 -34.58 -14.44
CA VAL B 330 17.28 -33.99 -15.01
C VAL B 330 16.32 -35.10 -15.51
N GLY B 331 15.00 -34.99 -15.32
CA GLY B 331 14.15 -36.12 -15.71
C GLY B 331 12.73 -36.10 -15.16
N ASN B 332 11.93 -37.09 -15.56
CA ASN B 332 10.53 -37.21 -15.18
C ASN B 332 10.46 -37.52 -13.69
N PRO B 333 10.14 -36.52 -12.86
CA PRO B 333 10.29 -36.71 -11.41
C PRO B 333 9.27 -37.73 -10.86
N LEU B 334 8.23 -38.05 -11.63
CA LEU B 334 7.33 -39.14 -11.25
C LEU B 334 8.05 -40.48 -11.37
N LEU B 335 8.87 -40.68 -12.40
CA LEU B 335 9.56 -41.95 -12.60
C LEU B 335 10.95 -41.91 -11.95
N HIS B 336 11.52 -40.73 -11.69
CA HIS B 336 12.90 -40.69 -11.16
C HIS B 336 12.98 -39.63 -10.06
N PRO B 337 12.51 -39.97 -8.84
CA PRO B 337 12.47 -39.00 -7.73
C PRO B 337 13.83 -38.34 -7.43
N GLU B 338 14.93 -39.08 -7.69
CA GLU B 338 16.34 -38.67 -7.40
C GLU B 338 16.77 -37.46 -8.24
N VAL B 339 15.94 -37.06 -9.17
CA VAL B 339 16.35 -36.11 -10.16
C VAL B 339 16.34 -34.71 -9.52
N THR B 340 17.24 -33.81 -9.91
CA THR B 340 17.27 -32.45 -9.37
C THR B 340 16.06 -31.65 -9.87
N TYR B 341 15.90 -31.50 -11.19
CA TYR B 341 14.72 -30.83 -11.69
C TYR B 341 14.17 -31.58 -12.89
N GLY B 342 12.94 -31.21 -13.24
CA GLY B 342 12.20 -31.86 -14.31
C GLY B 342 11.85 -30.86 -15.41
N PRO B 343 10.63 -30.94 -15.94
CA PRO B 343 10.25 -30.18 -17.12
C PRO B 343 9.87 -28.73 -16.82
N PHE B 344 9.68 -27.92 -17.86
CA PHE B 344 9.10 -26.58 -17.69
C PHE B 344 7.61 -26.72 -17.31
N ILE B 345 7.14 -25.81 -16.50
CA ILE B 345 5.77 -25.90 -16.03
C ILE B 345 4.83 -25.77 -17.24
N ASN B 346 5.14 -24.84 -18.13
CA ASN B 346 4.28 -24.60 -19.28
C ASN B 346 5.15 -24.26 -20.51
N GLU B 347 4.49 -24.07 -21.66
CA GLU B 347 5.19 -23.87 -22.95
C GLU B 347 5.67 -22.40 -23.05
N ARG B 348 4.94 -21.45 -22.42
CA ARG B 348 5.36 -20.01 -22.35
C ARG B 348 6.79 -19.92 -21.80
N PHE B 349 7.10 -20.59 -20.68
CA PHE B 349 8.44 -20.41 -20.06
C PHE B 349 9.50 -21.08 -20.94
N PHE B 350 9.16 -22.24 -21.48
CA PHE B 350 10.09 -22.94 -22.30
C PHE B 350 10.48 -22.05 -23.49
N ALA B 351 9.49 -21.35 -24.05
CA ALA B 351 9.69 -20.51 -25.22
C ALA B 351 10.60 -19.31 -24.90
N ARG B 352 10.33 -18.60 -23.81
CA ARG B 352 11.11 -17.42 -23.47
C ARG B 352 12.55 -17.88 -23.19
N TRP B 353 12.70 -19.05 -22.58
CA TRP B 353 14.01 -19.53 -22.19
C TRP B 353 14.80 -19.97 -23.43
N GLN B 354 14.10 -20.52 -24.41
CA GLN B 354 14.78 -20.93 -25.65
C GLN B 354 15.31 -19.66 -26.35
N GLU B 355 14.50 -18.61 -26.41
CA GLU B 355 14.93 -17.36 -27.03
C GLU B 355 16.15 -16.79 -26.29
N HIS B 356 16.31 -17.08 -25.01
CA HIS B 356 17.36 -16.38 -24.24
C HIS B 356 18.73 -16.76 -24.80
N TYR B 357 18.85 -17.96 -25.38
CA TYR B 357 20.11 -18.38 -26.04
C TYR B 357 20.48 -17.44 -27.20
N ARG B 358 19.48 -17.03 -27.96
CA ARG B 358 19.77 -16.21 -29.13
C ARG B 358 20.05 -14.77 -28.69
N VAL B 359 19.41 -14.26 -27.64
CA VAL B 359 19.72 -12.91 -27.11
C VAL B 359 21.15 -12.92 -26.57
N GLY B 360 21.51 -14.04 -25.96
CA GLY B 360 22.85 -14.26 -25.42
C GLY B 360 23.90 -14.16 -26.51
N GLU B 361 23.78 -15.00 -27.54
CA GLU B 361 24.70 -14.97 -28.69
C GLU B 361 24.76 -13.55 -29.25
N ALA B 362 23.61 -12.93 -29.43
CA ALA B 362 23.53 -11.61 -30.07
C ALA B 362 24.32 -10.54 -29.29
N GLU B 363 24.21 -10.49 -27.98
CA GLU B 363 24.90 -9.42 -27.22
C GLU B 363 26.30 -9.90 -26.79
N GLY B 364 26.65 -11.15 -27.10
CA GLY B 364 28.03 -11.60 -27.00
C GLY B 364 28.38 -12.23 -25.66
N ALA B 365 27.40 -12.77 -24.95
CA ALA B 365 27.71 -13.55 -23.77
C ALA B 365 28.54 -14.76 -24.18
N ARG B 366 29.44 -15.27 -23.32
CA ARG B 366 30.14 -16.52 -23.59
C ARG B 366 29.33 -17.65 -22.98
N LEU B 367 28.88 -18.58 -23.80
CA LEU B 367 28.11 -19.71 -23.30
C LEU B 367 29.08 -20.80 -22.80
N LEU B 368 29.17 -21.02 -21.49
CA LEU B 368 30.13 -22.00 -20.93
C LEU B 368 29.54 -23.40 -20.93
N PHE B 369 28.23 -23.58 -20.91
CA PHE B 369 27.66 -24.93 -20.78
C PHE B 369 26.16 -24.85 -21.04
N GLY B 370 25.62 -25.81 -21.78
CA GLY B 370 24.21 -25.82 -22.12
C GLY B 370 23.99 -25.87 -23.62
N ARG B 371 23.21 -26.85 -24.07
CA ARG B 371 22.92 -27.10 -25.48
C ARG B 371 21.39 -26.96 -25.70
N GLY B 372 20.73 -26.02 -25.01
CA GLY B 372 19.30 -25.75 -25.25
C GLY B 372 18.39 -26.88 -24.80
N ARG B 373 17.32 -27.15 -25.55
CA ARG B 373 16.35 -28.15 -25.17
C ARG B 373 16.92 -29.57 -25.24
N ILE B 374 16.59 -30.35 -24.21
CA ILE B 374 16.95 -31.76 -24.17
C ILE B 374 15.93 -32.52 -25.00
N THR B 375 16.52 -33.31 -25.93
CA THR B 375 15.82 -34.18 -26.88
C THR B 375 16.65 -35.46 -27.09
N ARG B 376 16.10 -36.41 -27.83
CA ARG B 376 16.83 -37.64 -28.16
C ARG B 376 17.97 -37.25 -29.10
N GLU B 377 17.69 -36.40 -30.07
CA GLU B 377 18.69 -35.94 -31.02
C GLU B 377 19.71 -35.01 -30.33
N ASN B 378 19.43 -34.47 -29.15
CA ASN B 378 20.40 -33.59 -28.45
C ASN B 378 20.40 -33.97 -26.97
N PRO B 379 20.89 -35.20 -26.65
CA PRO B 379 20.65 -35.83 -25.36
C PRO B 379 21.52 -35.17 -24.27
N TYR B 380 21.10 -35.36 -23.03
CA TYR B 380 21.83 -34.80 -21.91
C TYR B 380 22.41 -35.98 -21.10
N PRO B 381 23.74 -35.96 -20.83
CA PRO B 381 24.36 -37.10 -20.17
C PRO B 381 23.68 -37.54 -18.87
N ARG B 382 23.22 -36.64 -18.03
CA ARG B 382 22.59 -37.12 -16.80
C ARG B 382 21.06 -36.96 -16.86
N PHE B 383 20.47 -37.25 -18.02
CA PHE B 383 19.01 -37.26 -18.12
C PHE B 383 18.48 -38.64 -17.74
N LEU B 384 17.34 -38.74 -17.08
CA LEU B 384 16.68 -40.05 -16.83
C LEU B 384 15.23 -40.02 -17.34
N GLY B 385 14.94 -40.91 -18.28
CA GLY B 385 13.61 -40.99 -18.89
C GLY B 385 13.66 -40.51 -20.33
N ASP B 386 12.51 -40.16 -20.87
CA ASP B 386 12.34 -39.74 -22.25
C ASP B 386 12.06 -38.21 -22.39
N PRO B 387 13.05 -37.44 -22.87
CA PRO B 387 13.09 -35.95 -22.92
C PRO B 387 12.20 -35.27 -23.98
N GLU B 388 11.58 -36.12 -24.79
CA GLU B 388 10.67 -35.64 -25.80
C GLU B 388 9.25 -35.70 -25.23
N ALA B 389 9.02 -36.46 -24.15
CA ALA B 389 7.67 -36.50 -23.59
C ALA B 389 7.28 -35.12 -23.04
N GLY B 390 8.26 -34.22 -22.85
CA GLY B 390 7.96 -32.89 -22.34
C GLY B 390 9.03 -31.89 -22.72
N LEU B 391 8.85 -30.69 -22.18
CA LEU B 391 9.81 -29.60 -22.39
C LEU B 391 10.84 -29.60 -21.25
N TYR B 392 12.05 -30.05 -21.54
CA TYR B 392 13.12 -30.14 -20.54
C TYR B 392 14.29 -29.27 -21.01
N GLY B 393 15.06 -28.71 -20.10
CA GLY B 393 16.14 -27.77 -20.49
C GLY B 393 17.50 -28.19 -19.99
N TRP B 394 18.50 -28.20 -20.87
CA TRP B 394 19.92 -28.27 -20.47
C TRP B 394 20.20 -27.25 -19.38
N PRO B 395 20.91 -27.65 -18.31
CA PRO B 395 21.41 -26.67 -17.38
C PRO B 395 22.26 -25.70 -18.20
N THR B 396 22.29 -24.44 -17.85
CA THR B 396 22.91 -23.45 -18.77
C THR B 396 23.69 -22.41 -17.98
N VAL B 397 24.93 -22.16 -18.42
CA VAL B 397 25.81 -21.23 -17.73
C VAL B 397 26.47 -20.30 -18.73
N TRP B 398 26.45 -19.01 -18.40
CA TRP B 398 27.01 -17.94 -19.23
C TRP B 398 28.05 -17.18 -18.42
N GLU B 399 28.94 -16.46 -19.09
CA GLU B 399 29.59 -15.28 -18.49
C GLU B 399 29.05 -14.04 -19.18
N VAL B 400 28.80 -12.96 -18.48
CA VAL B 400 28.06 -11.86 -19.09
C VAL B 400 28.64 -10.53 -18.56
N ARG B 401 28.62 -9.52 -19.39
CA ARG B 401 28.97 -8.22 -18.88
C ARG B 401 27.70 -7.68 -18.19
N PRO B 402 27.85 -6.96 -17.07
CA PRO B 402 26.77 -6.12 -16.53
C PRO B 402 26.22 -5.18 -17.61
N GLY B 403 25.02 -4.64 -17.47
CA GLY B 403 24.47 -3.82 -18.56
C GLY B 403 23.77 -4.64 -19.65
N THR B 404 24.16 -5.90 -19.88
CA THR B 404 23.51 -6.70 -20.92
C THR B 404 22.10 -7.13 -20.48
N ARG B 405 21.34 -7.70 -21.42
CA ARG B 405 19.97 -8.18 -21.20
C ARG B 405 19.96 -9.53 -20.47
N LEU B 406 20.95 -10.40 -20.69
CA LEU B 406 21.00 -11.64 -19.92
C LEU B 406 21.22 -11.26 -18.45
N PHE B 407 21.97 -10.18 -18.23
CA PHE B 407 22.29 -9.74 -16.88
C PHE B 407 21.06 -9.12 -16.21
N THR B 408 20.27 -8.34 -16.93
CA THR B 408 19.22 -7.53 -16.30
C THR B 408 17.83 -8.20 -16.34
N GLU B 409 17.56 -9.15 -17.24
CA GLU B 409 16.16 -9.60 -17.48
C GLU B 409 15.92 -10.96 -16.82
N GLU B 410 14.78 -11.16 -16.16
CA GLU B 410 14.47 -12.46 -15.52
C GLU B 410 14.16 -13.53 -16.59
N VAL B 411 14.71 -14.73 -16.42
CA VAL B 411 14.55 -15.83 -17.40
C VAL B 411 14.26 -17.13 -16.64
N PHE B 412 12.98 -17.41 -16.43
CA PHE B 412 12.58 -18.68 -15.84
C PHE B 412 13.17 -19.82 -16.66
N GLY B 413 13.87 -20.68 -15.95
CA GLY B 413 14.56 -21.77 -16.58
C GLY B 413 15.93 -21.95 -15.96
N PRO B 414 16.54 -23.10 -16.22
CA PRO B 414 17.80 -23.53 -15.68
C PRO B 414 18.96 -22.88 -16.44
N THR B 415 19.14 -21.59 -16.16
CA THR B 415 20.18 -20.74 -16.71
C THR B 415 20.73 -19.90 -15.56
N ILE B 416 22.04 -19.69 -15.53
CA ILE B 416 22.66 -18.81 -14.55
C ILE B 416 23.84 -18.10 -15.22
N ASN B 417 24.15 -16.88 -14.79
CA ASN B 417 25.29 -16.13 -15.32
C ASN B 417 26.39 -16.04 -14.25
N LEU B 418 27.66 -16.07 -14.67
CA LEU B 418 28.80 -15.66 -13.85
C LEU B 418 29.26 -14.26 -14.24
N VAL B 419 29.78 -13.51 -13.27
CA VAL B 419 30.31 -12.16 -13.47
C VAL B 419 31.53 -11.99 -12.56
N LYS B 420 32.61 -11.41 -13.10
CA LYS B 420 33.81 -11.16 -12.30
C LYS B 420 33.64 -9.79 -11.63
N VAL B 421 33.90 -9.74 -10.32
CA VAL B 421 33.82 -8.48 -9.55
C VAL B 421 35.10 -8.38 -8.73
N ASP B 422 35.44 -7.14 -8.35
CA ASP B 422 36.62 -6.93 -7.56
C ASP B 422 36.34 -6.56 -6.08
N GLY B 423 35.90 -5.33 -5.79
CA GLY B 423 35.66 -4.93 -4.38
C GLY B 423 34.56 -5.76 -3.72
N ILE B 424 34.35 -5.52 -2.44
CA ILE B 424 32.99 -5.65 -1.92
C ILE B 424 32.21 -4.46 -2.48
N GLU B 425 32.89 -3.32 -2.49
CA GLU B 425 32.53 -2.09 -3.19
C GLU B 425 31.67 -2.41 -4.41
N GLU B 426 32.33 -3.14 -5.30
CA GLU B 426 31.86 -3.26 -6.62
C GLU B 426 30.85 -4.41 -6.68
N ALA B 427 31.11 -5.50 -5.94
CA ALA B 427 30.10 -6.57 -5.79
C ALA B 427 28.71 -5.98 -5.50
N ILE B 428 28.64 -5.03 -4.59
CA ILE B 428 27.36 -4.42 -4.17
C ILE B 428 26.79 -3.57 -5.33
N ALA B 429 27.66 -2.81 -6.00
CA ALA B 429 27.24 -1.95 -7.10
C ALA B 429 26.70 -2.78 -8.27
N VAL B 430 27.40 -3.86 -8.62
CA VAL B 430 26.94 -4.76 -9.68
C VAL B 430 25.66 -5.48 -9.23
N ALA B 431 25.60 -5.98 -8.00
CA ALA B 431 24.37 -6.67 -7.47
C ALA B 431 23.10 -5.81 -7.66
N ASN B 432 23.27 -4.50 -7.53
CA ASN B 432 22.18 -3.56 -7.59
C ASN B 432 21.88 -3.11 -9.04
N SER B 433 22.67 -3.50 -10.05
CA SER B 433 22.52 -2.97 -11.43
C SER B 433 21.48 -3.76 -12.22
N THR B 434 20.28 -3.84 -11.69
CA THR B 434 19.26 -4.76 -12.17
C THR B 434 17.93 -4.08 -11.85
N PRO B 435 16.93 -4.18 -12.70
CA PRO B 435 15.69 -3.54 -12.26
C PRO B 435 15.04 -4.20 -11.03
N TYR B 436 15.44 -5.41 -10.69
CA TYR B 436 14.75 -6.14 -9.63
C TYR B 436 15.46 -6.01 -8.30
N GLY B 437 14.73 -6.42 -7.28
CA GLY B 437 15.16 -6.21 -5.90
C GLY B 437 14.42 -7.14 -4.95
N LEU B 438 14.35 -8.41 -5.30
CA LEU B 438 13.60 -9.36 -4.52
C LEU B 438 14.53 -9.99 -3.46
N SER B 439 15.33 -10.95 -3.94
CA SER B 439 16.16 -11.80 -3.10
C SER B 439 17.64 -11.52 -3.37
N SER B 440 18.50 -11.92 -2.44
CA SER B 440 19.94 -11.69 -2.57
C SER B 440 20.69 -12.62 -1.61
N ALA B 441 21.98 -12.78 -1.86
CA ALA B 441 22.82 -13.64 -1.01
C ALA B 441 24.28 -13.21 -1.10
N ILE B 442 25.00 -13.39 0.00
CA ILE B 442 26.45 -13.24 0.00
C ILE B 442 27.07 -14.38 0.82
N TYR B 443 28.17 -14.90 0.27
CA TYR B 443 29.00 -15.92 0.90
C TYR B 443 30.32 -15.26 1.29
N THR B 444 30.57 -15.18 2.60
CA THR B 444 31.73 -14.46 3.14
C THR B 444 31.88 -14.79 4.63
N ASN B 445 33.04 -14.46 5.22
CA ASN B 445 33.33 -14.72 6.65
C ASN B 445 33.77 -13.46 7.39
N HIS B 446 34.23 -12.45 6.67
CA HIS B 446 34.54 -11.18 7.28
C HIS B 446 33.22 -10.54 7.71
N ARG B 447 33.07 -10.29 9.02
CA ARG B 447 31.86 -9.65 9.55
C ARG B 447 31.55 -8.35 8.77
N HIS B 448 32.57 -7.52 8.48
CA HIS B 448 32.38 -6.18 7.86
C HIS B 448 31.83 -6.32 6.43
N TRP B 449 32.23 -7.38 5.74
CA TRP B 449 31.81 -7.59 4.36
C TRP B 449 30.32 -7.96 4.29
N ALA B 450 29.89 -8.87 5.16
CA ALA B 450 28.45 -9.22 5.28
C ALA B 450 27.62 -8.01 5.75
N TYR B 451 28.18 -7.17 6.61
CA TYR B 451 27.49 -5.96 7.05
C TYR B 451 27.28 -5.00 5.88
N LEU B 452 28.26 -4.86 5.00
CA LEU B 452 28.19 -3.81 3.98
C LEU B 452 27.20 -4.22 2.89
N PHE B 453 27.15 -5.52 2.63
CA PHE B 453 26.19 -6.06 1.70
C PHE B 453 24.78 -6.00 2.28
N LYS B 454 24.66 -6.36 3.56
CA LYS B 454 23.39 -6.34 4.26
C LYS B 454 22.72 -4.97 4.08
N VAL B 455 23.51 -3.90 4.20
CA VAL B 455 22.97 -2.54 4.19
C VAL B 455 23.23 -1.86 2.84
N GLY B 456 24.01 -2.48 1.94
CA GLY B 456 24.28 -1.87 0.62
C GLY B 456 23.32 -2.35 -0.47
N ILE B 457 22.80 -3.57 -0.30
CA ILE B 457 21.88 -4.18 -1.29
C ILE B 457 20.54 -3.44 -1.22
N ARG B 458 19.83 -3.38 -2.34
CA ARG B 458 18.45 -2.92 -2.39
C ARG B 458 17.62 -4.13 -2.80
N ALA B 459 17.31 -4.97 -1.80
CA ALA B 459 16.47 -6.16 -1.89
C ALA B 459 15.60 -6.28 -0.62
N GLY B 460 14.52 -7.06 -0.69
CA GLY B 460 13.60 -7.21 0.42
C GLY B 460 13.87 -8.48 1.21
N MET B 461 14.82 -9.27 0.71
CA MET B 461 15.30 -10.49 1.36
C MET B 461 16.78 -10.73 1.04
N THR B 462 17.54 -11.16 2.04
CA THR B 462 18.98 -11.29 1.93
C THR B 462 19.44 -12.48 2.79
N SER B 463 20.30 -13.32 2.20
CA SER B 463 20.87 -14.49 2.85
C SER B 463 22.40 -14.33 3.04
N ILE B 464 22.89 -14.60 4.24
CA ILE B 464 24.34 -14.65 4.46
C ILE B 464 24.76 -16.12 4.58
N ASN B 465 25.76 -16.51 3.78
CA ASN B 465 26.19 -17.92 3.60
C ASN B 465 24.97 -18.85 3.47
N ASN B 466 24.05 -18.47 2.59
CA ASN B 466 22.82 -19.22 2.36
C ASN B 466 22.27 -18.83 0.98
N ALA B 467 21.51 -19.72 0.36
CA ALA B 467 21.03 -19.56 -1.04
C ALA B 467 20.10 -18.35 -1.16
N THR B 468 19.83 -17.91 -2.40
CA THR B 468 18.76 -16.92 -2.66
C THR B 468 17.36 -17.54 -2.55
N VAL B 469 17.27 -18.88 -2.55
CA VAL B 469 15.98 -19.55 -2.41
C VAL B 469 15.87 -20.10 -0.99
N GLY B 470 14.72 -20.62 -0.63
CA GLY B 470 14.53 -21.23 0.70
C GLY B 470 14.31 -20.21 1.80
N ALA B 471 13.54 -19.16 1.51
CA ALA B 471 13.05 -18.26 2.57
C ALA B 471 12.27 -19.11 3.59
N GLU B 472 12.36 -18.75 4.86
CA GLU B 472 11.52 -19.40 5.87
C GLU B 472 10.13 -18.77 5.82
N ALA B 473 9.13 -19.59 6.05
CA ALA B 473 7.75 -19.20 5.82
C ALA B 473 7.27 -18.15 6.82
N HIS B 474 7.99 -17.84 7.91
CA HIS B 474 7.41 -16.99 9.00
C HIS B 474 8.17 -15.66 9.11
N LEU B 475 8.83 -15.33 7.98
CA LEU B 475 9.56 -14.09 7.68
C LEU B 475 8.87 -13.44 6.47
N PRO B 476 8.92 -12.09 6.38
CA PRO B 476 8.22 -11.36 5.34
C PRO B 476 8.88 -11.54 3.96
N PHE B 477 8.04 -12.05 3.08
CA PHE B 477 8.41 -12.37 1.72
C PHE B 477 8.00 -11.23 0.78
N GLY B 478 8.92 -10.77 -0.04
CA GLY B 478 8.60 -9.60 -0.85
C GLY B 478 9.82 -8.86 -1.35
N GLY B 479 9.61 -8.07 -2.40
CA GLY B 479 10.66 -7.39 -3.12
C GLY B 479 10.43 -5.90 -3.22
N VAL B 480 11.55 -5.21 -3.41
CA VAL B 480 11.57 -3.80 -3.66
C VAL B 480 11.90 -3.63 -5.16
N LYS B 481 11.81 -2.40 -5.67
CA LYS B 481 12.08 -2.06 -7.09
C LYS B 481 11.01 -2.72 -7.97
N ALA B 482 11.42 -3.41 -9.02
CA ALA B 482 10.47 -3.96 -10.00
C ALA B 482 9.93 -5.30 -9.49
N SER B 483 10.34 -5.70 -8.29
CA SER B 483 9.94 -6.97 -7.76
C SER B 483 8.66 -6.83 -6.93
N GLY B 484 8.20 -5.61 -6.64
CA GLY B 484 6.91 -5.42 -5.96
C GLY B 484 6.70 -3.98 -5.48
N ASN B 485 5.60 -3.74 -4.79
CA ASN B 485 5.19 -2.37 -4.53
C ASN B 485 5.28 -2.04 -3.04
N GLY B 486 5.76 -3.00 -2.23
CA GLY B 486 6.13 -2.70 -0.84
C GLY B 486 5.43 -3.59 0.18
N GLY B 487 4.40 -4.32 -0.23
CA GLY B 487 3.69 -5.27 0.64
C GLY B 487 4.54 -6.51 0.94
N ARG B 488 4.09 -7.32 1.89
CA ARG B 488 4.87 -8.48 2.36
C ARG B 488 3.90 -9.59 2.71
N GLU B 489 4.34 -10.86 2.75
CA GLU B 489 3.36 -11.91 2.55
C GLU B 489 3.26 -12.89 3.73
N SER B 490 4.31 -13.11 4.50
CA SER B 490 4.12 -14.12 5.52
C SER B 490 3.98 -13.46 6.90
N GLY B 491 3.85 -14.25 7.95
CA GLY B 491 4.01 -13.74 9.32
C GLY B 491 2.98 -12.68 9.69
N ILE B 492 3.33 -11.84 10.67
CA ILE B 492 2.46 -10.72 11.14
C ILE B 492 2.39 -9.63 10.07
N TRP B 493 3.37 -9.56 9.17
CA TRP B 493 3.51 -8.45 8.21
C TRP B 493 2.38 -8.41 7.18
N VAL B 494 1.89 -9.59 6.78
CA VAL B 494 0.79 -9.71 5.83
C VAL B 494 -0.53 -9.16 6.43
N LEU B 495 -0.64 -8.89 7.72
CA LEU B 495 -1.94 -8.45 8.23
C LEU B 495 -2.28 -7.05 7.70
N GLU B 496 -1.26 -6.24 7.38
CA GLU B 496 -1.42 -4.92 6.76
C GLU B 496 -2.14 -5.03 5.41
N GLU B 497 -1.97 -6.15 4.71
CA GLU B 497 -2.51 -6.35 3.36
C GLU B 497 -4.03 -6.61 3.42
N TYR B 498 -4.51 -7.42 4.35
CA TYR B 498 -5.89 -7.87 4.26
C TYR B 498 -6.75 -7.13 5.30
N THR B 499 -6.24 -6.05 5.94
CA THR B 499 -7.07 -5.28 6.88
C THR B 499 -6.80 -3.78 6.73
N TYR B 500 -7.69 -2.97 7.32
CA TYR B 500 -7.53 -1.52 7.40
C TYR B 500 -7.65 -1.06 8.85
N TRP B 501 -7.19 0.15 9.16
CA TRP B 501 -7.17 0.60 10.56
C TRP B 501 -8.36 1.51 10.90
N HIS B 502 -9.28 0.97 11.70
CA HIS B 502 -10.37 1.76 12.24
C HIS B 502 -9.95 2.43 13.55
N ALA B 503 -10.06 3.76 13.64
CA ALA B 503 -9.65 4.50 14.84
C ALA B 503 -10.88 5.10 15.56
N VAL B 504 -11.05 4.74 16.83
CA VAL B 504 -12.25 5.10 17.56
C VAL B 504 -11.88 5.96 18.77
N ASN B 505 -12.67 7.01 19.04
CA ASN B 505 -12.42 7.87 20.20
C ASN B 505 -13.74 8.04 20.97
N GLU B 506 -13.68 7.75 22.26
CA GLU B 506 -14.84 7.76 23.09
C GLU B 506 -14.66 8.87 24.11
N GLU B 507 -15.65 9.75 24.13
CA GLU B 507 -15.76 10.81 25.08
C GLU B 507 -16.79 10.38 26.12
N TYR B 508 -16.41 10.48 27.39
CA TYR B 508 -17.33 10.15 28.50
C TYR B 508 -17.61 11.40 29.35
N SER B 509 -16.83 12.46 29.12
CA SER B 509 -16.78 13.68 29.90
C SER B 509 -17.98 14.60 29.63
N GLY B 510 -18.87 14.26 28.71
CA GLY B 510 -20.00 15.13 28.32
C GLY B 510 -19.63 16.62 28.21
N ARG B 511 -18.54 17.00 27.51
CA ARG B 511 -18.31 18.41 27.04
C ARG B 511 -17.45 18.44 25.76
N LEU B 512 -17.64 19.43 24.86
CA LEU B 512 -16.73 19.64 23.69
C LEU B 512 -15.43 20.29 24.19
N GLN B 513 -14.34 19.54 24.06
CA GLN B 513 -13.00 20.01 24.41
C GLN B 513 -12.10 19.70 23.20
N LEU B 514 -11.36 20.69 22.72
CA LEU B 514 -10.74 20.62 21.37
C LEU B 514 -9.36 21.31 21.39
#